data_6P3C
#
_entry.id   6P3C
#
_cell.length_a   104.065
_cell.length_b   218.448
_cell.length_c   86.649
_cell.angle_alpha   90.000
_cell.angle_beta   90.000
_cell.angle_gamma   90.000
#
_symmetry.space_group_name_H-M   'C 2 2 21'
#
loop_
_entity.id
_entity.type
_entity.pdbx_description
1 polymer 'Fumarate hydratase class II'
2 non-polymer 'CITRATE ANION'
3 water water
#
_entity_poly.entity_id   1
_entity_poly.type   'polypeptide(L)'
_entity_poly.pdbx_seq_one_letter_code
;MNTVRSEKDSMGAIDVPADKLWGAQTQRSLEHFRISTEKMPTSLIHALALTKRAAAKVNEDLGLLSEEKASAIRQAADEV
LAGQHDDEFPLAIWQTGSGTQSNMNMNEVLANRASELLGGVRGMERKVHPNDDVNKSQSSNDVFPTAMHVAALLALRKQL
IPQLKTLTQTLNEKSRAFADIVKIGRAHLQDATPLTLGQEISGWVAMLEHNLKHIEYSLPHVAELALGGTAVGTGLNTHP
EYARRVADELAVITCAPFVTAPNKFEALATCDALVQAHGALKGLAASLMKIANDVRWLASGPRCGIGEISIPENEPGSSI
MPGKVNPTQCEALTMLCCQVMGNDVAINMGGASGNFELNVFRPMVIHNFLQSVRLLADGMESFNKHCAVGIEPNRERINQ
LLNESLMLVTALNTHIGYDKAAEIAKKAHKEGLTLKAAALALGYLSEAEFDSWVRPEQMVGSMKAGRPHHHHH
;
_entity_poly.pdbx_strand_id   A,B
#
loop_
_chem_comp.id
_chem_comp.type
_chem_comp.name
_chem_comp.formula
FLC non-polymer 'CITRATE ANION' 'C6 H5 O7 -3'
#
# COMPACT_ATOMS: atom_id res chain seq x y z
N MET A 1 45.64 8.26 -2.84
CA MET A 1 46.79 7.39 -2.64
C MET A 1 46.99 6.47 -3.83
N ASN A 2 48.21 6.45 -4.38
CA ASN A 2 48.49 5.61 -5.54
C ASN A 2 48.94 4.20 -5.13
N THR A 3 49.68 4.09 -4.04
CA THR A 3 50.23 2.80 -3.62
C THR A 3 49.11 1.80 -3.34
N VAL A 4 49.36 0.54 -3.70
CA VAL A 4 48.37 -0.53 -3.58
C VAL A 4 48.80 -1.55 -2.53
N ARG A 5 47.82 -2.35 -2.11
CA ARG A 5 48.01 -3.56 -1.32
C ARG A 5 47.32 -4.69 -2.06
N SER A 6 47.98 -5.85 -2.14
CA SER A 6 47.42 -7.01 -2.83
C SER A 6 46.54 -7.79 -1.85
N GLU A 7 45.26 -7.92 -2.18
CA GLU A 7 44.33 -8.70 -1.40
C GLU A 7 43.88 -9.91 -2.22
N LYS A 8 43.49 -10.98 -1.52
CA LYS A 8 43.21 -12.25 -2.17
C LYS A 8 41.83 -12.77 -1.78
N ASP A 9 41.22 -13.47 -2.73
CA ASP A 9 40.03 -14.28 -2.49
C ASP A 9 40.18 -15.58 -3.27
N SER A 10 39.10 -16.36 -3.36
CA SER A 10 39.14 -17.66 -4.03
C SER A 10 39.52 -17.53 -5.50
N MET A 11 39.34 -16.35 -6.08
CA MET A 11 39.59 -16.12 -7.49
C MET A 11 41.03 -15.73 -7.80
N GLY A 12 41.77 -15.27 -6.80
CA GLY A 12 43.13 -14.82 -7.01
C GLY A 12 43.38 -13.53 -6.27
N ALA A 13 44.37 -12.78 -6.75
CA ALA A 13 44.81 -11.55 -6.12
C ALA A 13 44.34 -10.34 -6.92
N ILE A 14 44.09 -9.25 -6.21
CA ILE A 14 43.68 -7.99 -6.84
C ILE A 14 44.20 -6.84 -5.98
N ASP A 15 44.60 -5.75 -6.63
CA ASP A 15 45.12 -4.59 -5.93
C ASP A 15 44.00 -3.72 -5.37
N VAL A 16 44.16 -3.30 -4.13
CA VAL A 16 43.24 -2.35 -3.48
C VAL A 16 44.06 -1.16 -3.02
N PRO A 17 43.42 0.00 -2.84
CA PRO A 17 44.16 1.18 -2.35
C PRO A 17 44.75 0.92 -0.97
N ALA A 18 46.02 1.29 -0.79
CA ALA A 18 46.69 0.94 0.46
C ALA A 18 46.07 1.64 1.66
N ASP A 19 45.43 2.78 1.44
CA ASP A 19 44.83 3.53 2.53
C ASP A 19 43.37 3.15 2.81
N LYS A 20 42.88 2.07 2.22
CA LYS A 20 41.52 1.60 2.45
C LYS A 20 41.51 0.28 3.20
N LEU A 21 40.38 -0.01 3.84
CA LEU A 21 40.24 -1.18 4.70
C LEU A 21 39.48 -2.34 4.06
N TRP A 22 38.94 -2.16 2.85
CA TRP A 22 38.20 -3.26 2.23
C TRP A 22 39.18 -4.27 1.62
N GLY A 23 38.62 -5.34 1.06
CA GLY A 23 39.42 -6.44 0.52
C GLY A 23 39.11 -6.80 -0.91
N ALA A 24 39.41 -8.04 -1.29
CA ALA A 24 39.38 -8.42 -2.71
C ALA A 24 37.96 -8.41 -3.27
N GLN A 25 36.98 -8.89 -2.51
CA GLN A 25 35.64 -8.99 -3.06
C GLN A 25 35.00 -7.63 -3.22
N THR A 26 35.29 -6.70 -2.31
CA THR A 26 34.83 -5.33 -2.48
C THR A 26 35.46 -4.70 -3.72
N GLN A 27 36.77 -4.90 -3.92
CA GLN A 27 37.43 -4.30 -5.07
C GLN A 27 36.85 -4.83 -6.38
N ARG A 28 36.55 -6.12 -6.45
CA ARG A 28 35.96 -6.67 -7.66
C ARG A 28 34.59 -6.06 -7.94
N SER A 29 33.77 -5.92 -6.89
CA SER A 29 32.44 -5.33 -7.08
C SER A 29 32.55 -3.88 -7.52
N LEU A 30 33.46 -3.13 -6.90
CA LEU A 30 33.68 -1.74 -7.28
C LEU A 30 34.03 -1.64 -8.75
N GLU A 31 34.85 -2.57 -9.26
CA GLU A 31 35.32 -2.51 -10.63
C GLU A 31 34.31 -3.04 -11.64
N HIS A 32 33.40 -3.95 -11.23
CA HIS A 32 32.50 -4.64 -12.15
C HIS A 32 31.11 -4.02 -12.23
N PHE A 33 30.75 -3.14 -11.30
CA PHE A 33 29.41 -2.56 -11.25
C PHE A 33 29.52 -1.03 -11.20
N ARG A 34 30.11 -0.47 -12.25
CA ARG A 34 30.27 0.97 -12.38
C ARG A 34 29.00 1.52 -13.04
N ILE A 35 27.93 1.53 -12.25
CA ILE A 35 26.60 1.84 -12.77
C ILE A 35 26.05 3.00 -11.96
N SER A 36 25.95 4.17 -12.61
CA SER A 36 25.33 5.36 -12.03
C SER A 36 26.06 5.77 -10.75
N THR A 37 25.35 6.41 -9.82
CA THR A 37 25.98 7.03 -8.66
C THR A 37 25.36 6.62 -7.32
N GLU A 38 24.28 5.84 -7.32
CA GLU A 38 23.60 5.46 -6.08
C GLU A 38 24.39 4.37 -5.36
N LYS A 39 24.67 4.59 -4.08
CA LYS A 39 25.40 3.66 -3.23
C LYS A 39 24.52 3.26 -2.05
N MET A 40 24.99 2.32 -1.24
CA MET A 40 24.23 1.97 -0.05
C MET A 40 24.10 3.21 0.84
N PRO A 41 22.93 3.50 1.39
CA PRO A 41 22.80 4.65 2.29
C PRO A 41 23.41 4.33 3.65
N THR A 42 23.76 5.40 4.37
CA THR A 42 24.40 5.24 5.68
C THR A 42 23.54 4.40 6.62
N SER A 43 22.22 4.58 6.59
CA SER A 43 21.34 3.79 7.44
C SER A 43 21.54 2.30 7.23
N LEU A 44 21.71 1.87 5.97
CA LEU A 44 21.88 0.44 5.68
C LEU A 44 23.27 -0.02 6.09
N ILE A 45 24.30 0.79 5.83
CA ILE A 45 25.65 0.45 6.31
C ILE A 45 25.63 0.24 7.82
N HIS A 46 24.99 1.15 8.56
CA HIS A 46 24.90 1.02 10.01
C HIS A 46 24.14 -0.25 10.40
N ALA A 47 23.06 -0.57 9.70
CA ALA A 47 22.30 -1.79 10.00
C ALA A 47 23.14 -3.03 9.78
N LEU A 48 23.97 -3.05 8.73
CA LEU A 48 24.87 -4.18 8.51
C LEU A 48 25.89 -4.28 9.64
N ALA A 49 26.42 -3.14 10.10
CA ALA A 49 27.35 -3.15 11.22
C ALA A 49 26.68 -3.68 12.47
N LEU A 50 25.44 -3.25 12.75
CA LEU A 50 24.72 -3.77 13.90
C LEU A 50 24.55 -5.27 13.81
N THR A 51 24.21 -5.77 12.62
CA THR A 51 24.02 -7.20 12.41
C THR A 51 25.31 -7.98 12.71
N LYS A 52 26.45 -7.46 12.25
CA LYS A 52 27.72 -8.16 12.51
C LYS A 52 28.09 -8.08 13.98
N ARG A 53 27.79 -6.96 14.63
CA ARG A 53 28.06 -6.82 16.07
C ARG A 53 27.24 -7.82 16.87
N ALA A 54 25.97 -7.99 16.52
CA ALA A 54 25.12 -8.94 17.22
C ALA A 54 25.55 -10.37 16.94
N ALA A 55 25.92 -10.68 15.70
CA ALA A 55 26.32 -12.03 15.36
C ALA A 55 27.60 -12.41 16.10
N ALA A 56 28.54 -11.46 16.22
CA ALA A 56 29.76 -11.74 16.96
C ALA A 56 29.48 -12.03 18.43
N LYS A 57 28.58 -11.26 19.04
CA LYS A 57 28.23 -11.47 20.44
C LYS A 57 27.63 -12.85 20.66
N VAL A 58 26.71 -13.27 19.79
CA VAL A 58 26.06 -14.56 19.95
C VAL A 58 27.03 -15.70 19.68
N ASN A 59 27.85 -15.57 18.64
CA ASN A 59 28.85 -16.59 18.34
C ASN A 59 29.79 -16.80 19.52
N GLU A 60 30.13 -15.71 20.22
CA GLU A 60 30.94 -15.82 21.43
C GLU A 60 30.18 -16.52 22.55
N ASP A 61 28.90 -16.15 22.74
CA ASP A 61 28.07 -16.81 23.75
C ASP A 61 28.02 -18.32 23.53
N LEU A 62 27.95 -18.74 22.27
CA LEU A 62 27.82 -20.16 21.92
C LEU A 62 29.17 -20.88 21.88
N GLY A 63 30.25 -20.20 22.25
CA GLY A 63 31.56 -20.82 22.23
C GLY A 63 32.13 -21.01 20.85
N LEU A 64 31.61 -20.31 19.85
CA LEU A 64 32.05 -20.49 18.48
C LEU A 64 33.12 -19.48 18.05
N LEU A 65 33.24 -18.37 18.75
CA LEU A 65 34.18 -17.32 18.42
C LEU A 65 34.87 -16.86 19.69
N SER A 66 36.18 -16.68 19.63
CA SER A 66 36.94 -16.29 20.81
C SER A 66 36.51 -14.92 21.31
N GLU A 67 36.66 -14.72 22.63
CA GLU A 67 36.37 -13.42 23.22
C GLU A 67 37.26 -12.34 22.60
N GLU A 68 38.52 -12.67 22.35
CA GLU A 68 39.46 -11.73 21.73
C GLU A 68 38.90 -11.18 20.43
N LYS A 69 38.50 -12.08 19.52
CA LYS A 69 38.03 -11.65 18.21
C LYS A 69 36.65 -11.00 18.30
N ALA A 70 35.74 -11.56 19.09
CA ALA A 70 34.40 -11.02 19.19
C ALA A 70 34.42 -9.57 19.70
N SER A 71 35.27 -9.29 20.69
N SER A 71 35.27 -9.28 20.68
CA SER A 71 35.37 -7.94 21.21
CA SER A 71 35.36 -7.93 21.20
C SER A 71 35.97 -6.99 20.17
C SER A 71 35.97 -6.98 20.18
N ALA A 72 36.95 -7.46 19.41
CA ALA A 72 37.56 -6.62 18.39
C ALA A 72 36.57 -6.31 17.26
N ILE A 73 35.79 -7.31 16.85
CA ILE A 73 34.77 -7.09 15.82
C ILE A 73 33.73 -6.07 16.30
N ARG A 74 33.28 -6.21 17.54
CA ARG A 74 32.34 -5.24 18.11
C ARG A 74 32.93 -3.84 18.15
N GLN A 75 34.23 -3.73 18.49
CA GLN A 75 34.88 -2.42 18.49
C GLN A 75 34.93 -1.82 17.09
N ALA A 76 35.31 -2.63 16.10
CA ALA A 76 35.33 -2.14 14.73
C ALA A 76 33.92 -1.72 14.29
N ALA A 77 32.91 -2.50 14.64
CA ALA A 77 31.54 -2.15 14.25
C ALA A 77 31.11 -0.85 14.90
N ASP A 78 31.47 -0.64 16.16
CA ASP A 78 31.13 0.61 16.84
C ASP A 78 31.79 1.81 16.17
N GLU A 79 33.00 1.64 15.63
CA GLU A 79 33.64 2.71 14.87
C GLU A 79 32.83 3.06 13.63
N VAL A 80 32.33 2.05 12.92
CA VAL A 80 31.45 2.30 11.76
C VAL A 80 30.20 3.06 12.21
N LEU A 81 29.59 2.60 13.31
CA LEU A 81 28.37 3.24 13.81
C LEU A 81 28.62 4.66 14.28
N ALA A 82 29.85 4.96 14.71
CA ALA A 82 30.22 6.30 15.13
C ALA A 82 30.63 7.21 13.99
N GLY A 83 30.56 6.73 12.75
CA GLY A 83 30.82 7.57 11.59
C GLY A 83 32.27 7.71 11.20
N GLN A 84 33.13 6.78 11.61
CA GLN A 84 34.55 6.89 11.34
C GLN A 84 34.99 6.21 10.05
N HIS A 85 34.09 5.50 9.36
CA HIS A 85 34.51 4.71 8.21
C HIS A 85 33.56 4.83 7.02
N ASP A 86 32.93 6.00 6.82
CA ASP A 86 31.96 6.12 5.75
C ASP A 86 32.59 5.87 4.38
N ASP A 87 33.85 6.25 4.20
CA ASP A 87 34.50 6.10 2.90
C ASP A 87 35.01 4.69 2.64
N GLU A 88 34.75 3.74 3.54
CA GLU A 88 35.15 2.36 3.36
C GLU A 88 34.07 1.52 2.68
N PHE A 89 32.97 2.13 2.23
CA PHE A 89 31.84 1.40 1.65
C PHE A 89 31.51 2.00 0.30
N PRO A 90 32.22 1.59 -0.74
CA PRO A 90 32.15 2.28 -2.04
C PRO A 90 31.19 1.66 -3.05
N LEU A 91 30.43 0.64 -2.68
CA LEU A 91 29.72 -0.18 -3.65
C LEU A 91 28.38 0.41 -4.07
N ALA A 92 27.99 0.09 -5.31
CA ALA A 92 26.75 0.57 -5.91
C ALA A 92 25.53 -0.20 -5.42
N ILE A 93 24.37 0.46 -5.47
CA ILE A 93 23.10 -0.25 -5.35
C ILE A 93 23.00 -1.35 -6.41
N TRP A 94 23.47 -1.04 -7.61
CA TRP A 94 23.27 -1.90 -8.78
C TRP A 94 24.38 -2.95 -8.84
N GLN A 95 24.27 -3.89 -7.91
CA GLN A 95 25.25 -4.95 -7.69
C GLN A 95 24.50 -6.28 -7.76
N THR A 96 25.11 -7.35 -7.21
CA THR A 96 24.41 -8.63 -7.10
C THR A 96 23.10 -8.45 -6.34
N GLY A 97 22.04 -9.11 -6.81
CA GLY A 97 20.70 -8.90 -6.27
C GLY A 97 20.45 -9.43 -4.88
N SER A 98 21.35 -10.26 -4.33
CA SER A 98 21.22 -10.68 -2.95
C SER A 98 21.88 -9.71 -1.98
N GLY A 99 22.65 -8.73 -2.48
CA GLY A 99 23.44 -7.87 -1.62
C GLY A 99 24.69 -8.53 -1.08
N THR A 100 25.10 -9.67 -1.66
CA THR A 100 26.31 -10.38 -1.26
C THR A 100 27.51 -9.44 -1.17
N GLN A 101 27.66 -8.58 -2.17
CA GLN A 101 28.88 -7.79 -2.26
C GLN A 101 28.98 -6.78 -1.13
N SER A 102 27.85 -6.20 -0.72
CA SER A 102 27.88 -5.30 0.43
C SER A 102 28.04 -6.06 1.74
N ASN A 103 27.51 -7.29 1.84
CA ASN A 103 27.82 -8.13 2.99
C ASN A 103 29.32 -8.35 3.10
N MET A 104 29.96 -8.70 1.98
CA MET A 104 31.40 -8.92 1.99
C MET A 104 32.18 -7.64 2.24
N ASN A 105 31.67 -6.50 1.78
CA ASN A 105 32.29 -5.22 2.09
C ASN A 105 32.38 -5.02 3.59
N MET A 106 31.29 -5.31 4.32
CA MET A 106 31.33 -5.20 5.77
C MET A 106 32.24 -6.26 6.38
N ASN A 107 32.19 -7.50 5.88
CA ASN A 107 33.05 -8.54 6.43
C ASN A 107 34.52 -8.16 6.30
N GLU A 108 34.91 -7.64 5.14
CA GLU A 108 36.32 -7.31 4.88
C GLU A 108 36.77 -6.11 5.70
N VAL A 109 35.98 -5.04 5.73
CA VAL A 109 36.36 -3.85 6.50
C VAL A 109 36.45 -4.16 7.99
N LEU A 110 35.47 -4.88 8.54
CA LEU A 110 35.52 -5.22 9.96
C LEU A 110 36.69 -6.15 10.27
N ALA A 111 36.99 -7.11 9.40
CA ALA A 111 38.10 -8.02 9.67
C ALA A 111 39.44 -7.28 9.65
N ASN A 112 39.69 -6.50 8.61
CA ASN A 112 40.95 -5.75 8.52
C ASN A 112 41.10 -4.79 9.71
N ARG A 113 40.01 -4.13 10.11
CA ARG A 113 40.11 -3.18 11.22
C ARG A 113 40.23 -3.90 12.56
N ALA A 114 39.47 -4.97 12.75
CA ALA A 114 39.59 -5.75 13.99
C ALA A 114 41.00 -6.33 14.13
N SER A 115 41.62 -6.71 13.01
CA SER A 115 43.01 -7.16 13.05
C SER A 115 43.93 -6.08 13.61
N GLU A 116 43.77 -4.84 13.14
CA GLU A 116 44.58 -3.74 13.65
C GLU A 116 44.33 -3.53 15.14
N LEU A 117 43.06 -3.62 15.57
CA LEU A 117 42.73 -3.45 16.97
C LEU A 117 43.34 -4.53 17.86
N LEU A 118 43.70 -5.67 17.29
CA LEU A 118 44.38 -6.73 18.02
C LEU A 118 45.90 -6.63 17.89
N GLY A 119 46.41 -5.51 17.40
CA GLY A 119 47.84 -5.36 17.20
C GLY A 119 48.36 -5.90 15.89
N GLY A 120 47.48 -6.33 14.99
CA GLY A 120 47.87 -6.87 13.70
C GLY A 120 47.83 -5.84 12.59
N VAL A 121 47.78 -6.32 11.35
CA VAL A 121 47.77 -5.45 10.18
C VAL A 121 46.59 -5.80 9.28
N ARG A 122 46.26 -4.86 8.41
CA ARG A 122 45.28 -5.12 7.36
C ARG A 122 45.95 -5.90 6.23
N GLY A 123 45.14 -6.61 5.47
CA GLY A 123 45.64 -7.39 4.35
C GLY A 123 45.74 -8.86 4.69
N MET A 124 46.51 -9.58 3.86
CA MET A 124 46.43 -11.03 3.93
C MET A 124 47.11 -11.63 5.17
N GLU A 125 47.90 -10.84 5.91
CA GLU A 125 48.45 -11.31 7.17
C GLU A 125 47.54 -10.99 8.36
N ARG A 126 46.28 -10.64 8.12
CA ARG A 126 45.38 -10.21 9.17
C ARG A 126 45.14 -11.32 10.21
N LYS A 127 44.83 -10.88 11.43
CA LYS A 127 44.53 -11.77 12.55
C LYS A 127 43.06 -12.15 12.61
N VAL A 128 42.19 -11.40 11.94
CA VAL A 128 40.75 -11.66 11.92
C VAL A 128 40.32 -11.83 10.48
N HIS A 129 39.39 -12.74 10.23
CA HIS A 129 39.13 -13.19 8.87
C HIS A 129 37.72 -12.88 8.43
N PRO A 130 37.53 -12.33 7.23
CA PRO A 130 36.19 -11.86 6.83
C PRO A 130 35.14 -12.96 6.81
N ASN A 131 35.46 -14.11 6.23
N ASN A 131 35.45 -14.11 6.24
CA ASN A 131 34.49 -15.20 6.10
CA ASN A 131 34.45 -15.17 6.14
C ASN A 131 34.42 -16.06 7.36
C ASN A 131 34.41 -16.06 7.37
N ASP A 132 35.56 -16.60 7.79
CA ASP A 132 35.58 -17.54 8.90
C ASP A 132 35.20 -16.89 10.22
N ASP A 133 35.51 -15.61 10.42
CA ASP A 133 35.22 -14.92 11.68
C ASP A 133 34.03 -13.98 11.56
N VAL A 134 34.11 -12.98 10.68
CA VAL A 134 33.09 -11.94 10.67
C VAL A 134 31.76 -12.47 10.13
N ASN A 135 31.80 -13.43 9.20
CA ASN A 135 30.60 -14.02 8.61
C ASN A 135 30.24 -15.36 9.25
N LYS A 136 30.81 -15.68 10.41
CA LYS A 136 30.56 -16.97 11.03
C LYS A 136 29.07 -17.14 11.34
N SER A 137 28.54 -18.31 11.01
CA SER A 137 27.14 -18.69 11.20
C SER A 137 26.17 -18.01 10.24
N GLN A 138 26.66 -17.29 9.23
CA GLN A 138 25.83 -16.45 8.40
C GLN A 138 25.96 -16.79 6.91
N SER A 139 24.98 -16.32 6.12
CA SER A 139 25.03 -16.28 4.67
C SER A 139 24.70 -14.86 4.21
N SER A 140 25.18 -14.47 3.03
CA SER A 140 24.70 -13.22 2.44
C SER A 140 23.19 -13.26 2.32
N ASN A 141 22.65 -14.45 2.04
CA ASN A 141 21.23 -14.56 1.76
C ASN A 141 20.39 -14.19 2.96
N ASP A 142 20.88 -14.45 4.17
CA ASP A 142 20.12 -14.06 5.35
C ASP A 142 20.60 -12.78 6.01
N VAL A 143 21.84 -12.36 5.76
CA VAL A 143 22.36 -11.13 6.37
C VAL A 143 21.73 -9.90 5.71
N PHE A 144 21.75 -9.83 4.38
CA PHE A 144 21.24 -8.63 3.73
C PHE A 144 19.77 -8.35 4.03
N PRO A 145 18.86 -9.34 3.96
CA PRO A 145 17.47 -9.05 4.36
C PRO A 145 17.33 -8.63 5.82
N THR A 146 18.20 -9.14 6.70
CA THR A 146 18.18 -8.71 8.10
C THR A 146 18.54 -7.24 8.21
N ALA A 147 19.63 -6.84 7.54
CA ALA A 147 20.02 -5.44 7.56
C ALA A 147 18.95 -4.54 6.93
N MET A 148 18.26 -5.04 5.89
CA MET A 148 17.17 -4.26 5.30
C MET A 148 16.10 -3.94 6.35
N HIS A 149 15.67 -4.96 7.11
CA HIS A 149 14.61 -4.75 8.10
C HIS A 149 15.09 -3.96 9.30
N VAL A 150 16.35 -4.16 9.71
CA VAL A 150 16.88 -3.35 10.81
C VAL A 150 16.87 -1.88 10.42
N ALA A 151 17.38 -1.57 9.23
CA ALA A 151 17.43 -0.17 8.78
C ALA A 151 16.03 0.40 8.62
N ALA A 152 15.12 -0.38 8.03
CA ALA A 152 13.76 0.10 7.79
C ALA A 152 13.01 0.36 9.10
N LEU A 153 13.03 -0.60 10.03
CA LEU A 153 12.27 -0.41 11.25
C LEU A 153 12.81 0.74 12.09
N LEU A 154 14.14 0.87 12.20
CA LEU A 154 14.72 1.97 12.96
C LEU A 154 14.42 3.33 12.32
N ALA A 155 14.47 3.41 10.99
CA ALA A 155 14.15 4.66 10.31
C ALA A 155 12.69 5.07 10.53
N LEU A 156 11.76 4.10 10.45
CA LEU A 156 10.35 4.39 10.72
C LEU A 156 10.14 4.84 12.16
N ARG A 157 10.77 4.17 13.11
CA ARG A 157 10.54 4.46 14.53
C ARG A 157 11.22 5.76 14.95
N LYS A 158 12.43 6.02 14.46
CA LYS A 158 13.23 7.12 14.99
C LYS A 158 13.16 8.40 14.18
N GLN A 159 12.92 8.30 12.87
CA GLN A 159 12.79 9.49 12.03
C GLN A 159 11.36 9.76 11.61
N LEU A 160 10.71 8.81 10.91
CA LEU A 160 9.44 9.14 10.28
C LEU A 160 8.34 9.39 11.30
N ILE A 161 8.10 8.44 12.21
CA ILE A 161 6.98 8.58 13.15
C ILE A 161 7.11 9.82 14.02
N PRO A 162 8.27 10.14 14.60
CA PRO A 162 8.36 11.40 15.37
C PRO A 162 8.04 12.64 14.55
N GLN A 163 8.48 12.71 13.30
CA GLN A 163 8.18 13.91 12.50
C GLN A 163 6.70 13.97 12.13
N LEU A 164 6.08 12.82 11.89
CA LEU A 164 4.64 12.78 11.63
C LEU A 164 3.86 13.30 12.84
N LYS A 165 4.22 12.83 14.04
CA LYS A 165 3.55 13.29 15.26
C LYS A 165 3.73 14.79 15.47
N THR A 166 4.93 15.31 15.18
CA THR A 166 5.19 16.74 15.37
C THR A 166 4.32 17.59 14.43
N LEU A 167 4.27 17.23 13.14
CA LEU A 167 3.45 17.99 12.20
C LEU A 167 1.98 17.90 12.57
N THR A 168 1.54 16.73 13.02
CA THR A 168 0.16 16.57 13.46
C THR A 168 -0.16 17.49 14.62
N GLN A 169 0.74 17.58 15.61
CA GLN A 169 0.52 18.45 16.75
C GLN A 169 0.40 19.91 16.32
N THR A 170 1.29 20.36 15.43
CA THR A 170 1.23 21.73 14.93
C THR A 170 -0.12 22.03 14.29
N LEU A 171 -0.58 21.14 13.40
CA LEU A 171 -1.83 21.41 12.71
C LEU A 171 -3.02 21.33 13.66
N ASN A 172 -2.93 20.47 14.68
CA ASN A 172 -3.99 20.47 15.69
C ASN A 172 -4.05 21.79 16.46
N GLU A 173 -2.89 22.35 16.80
CA GLU A 173 -2.84 23.67 17.42
C GLU A 173 -3.48 24.73 16.52
N LYS A 174 -3.18 24.71 15.22
CA LYS A 174 -3.77 25.67 14.31
C LYS A 174 -5.29 25.47 14.20
N SER A 175 -5.74 24.23 14.16
CA SER A 175 -7.17 23.97 14.06
C SER A 175 -7.91 24.55 15.26
N ARG A 176 -7.33 24.42 16.46
CA ARG A 176 -7.94 25.01 17.64
C ARG A 176 -7.88 26.53 17.60
N ALA A 177 -6.76 27.10 17.17
CA ALA A 177 -6.64 28.55 17.14
C ALA A 177 -7.63 29.19 16.18
N PHE A 178 -8.00 28.49 15.11
CA PHE A 178 -8.84 29.06 14.06
C PHE A 178 -10.24 28.48 14.05
N ALA A 179 -10.65 27.89 15.18
CA ALA A 179 -11.92 27.19 15.27
C ALA A 179 -13.13 28.08 15.06
N ASP A 180 -13.00 29.40 15.23
CA ASP A 180 -14.12 30.32 15.12
C ASP A 180 -14.15 31.11 13.83
N ILE A 181 -13.23 30.86 12.89
CA ILE A 181 -13.08 31.68 11.69
C ILE A 181 -13.87 31.01 10.58
N VAL A 182 -15.03 31.55 10.25
CA VAL A 182 -15.86 30.98 9.17
C VAL A 182 -15.31 31.41 7.83
N LYS A 183 -15.25 30.48 6.88
CA LYS A 183 -14.79 30.75 5.52
C LYS A 183 -15.68 30.03 4.52
N ILE A 184 -15.56 30.42 3.25
CA ILE A 184 -16.35 29.79 2.19
C ILE A 184 -15.87 28.36 1.96
N GLY A 185 -16.80 27.44 1.74
CA GLY A 185 -16.43 26.10 1.32
C GLY A 185 -16.09 26.06 -0.16
N ARG A 186 -15.34 25.03 -0.56
CA ARG A 186 -15.05 24.82 -1.98
C ARG A 186 -15.17 23.33 -2.29
N ALA A 187 -16.10 23.01 -3.18
CA ALA A 187 -16.33 21.64 -3.65
C ALA A 187 -16.38 21.69 -5.17
N HIS A 188 -15.66 20.79 -5.83
CA HIS A 188 -15.49 20.83 -7.29
C HIS A 188 -14.74 22.08 -7.74
N LEU A 189 -14.04 22.77 -6.84
CA LEU A 189 -13.42 24.09 -7.01
C LEU A 189 -14.43 25.24 -6.99
N GLN A 190 -15.72 24.95 -6.80
CA GLN A 190 -16.77 25.96 -6.81
C GLN A 190 -17.10 26.40 -5.39
N ASP A 191 -17.49 27.67 -5.25
CA ASP A 191 -17.96 28.18 -3.96
C ASP A 191 -19.03 27.24 -3.41
N ALA A 192 -18.98 26.97 -2.10
CA ALA A 192 -19.89 26.04 -1.44
C ALA A 192 -20.24 26.58 -0.06
N THR A 193 -21.14 25.86 0.62
CA THR A 193 -21.59 26.29 1.94
C THR A 193 -20.39 26.34 2.91
N PRO A 194 -20.45 27.20 3.92
CA PRO A 194 -19.26 27.51 4.72
C PRO A 194 -18.86 26.42 5.71
N LEU A 195 -17.62 26.55 6.17
CA LEU A 195 -17.07 25.78 7.28
C LEU A 195 -16.04 26.66 7.94
N THR A 196 -15.60 26.28 9.14
CA THR A 196 -14.54 27.09 9.73
C THR A 196 -13.17 26.65 9.23
N LEU A 197 -12.21 27.58 9.27
CA LEU A 197 -10.83 27.25 8.94
C LEU A 197 -10.33 26.16 9.88
N GLY A 198 -10.73 26.21 11.16
CA GLY A 198 -10.39 25.14 12.08
C GLY A 198 -10.95 23.78 11.67
N GLN A 199 -12.19 23.76 11.16
CA GLN A 199 -12.76 22.50 10.68
C GLN A 199 -11.98 21.97 9.49
N GLU A 200 -11.62 22.84 8.54
CA GLU A 200 -10.87 22.41 7.37
C GLU A 200 -9.52 21.82 7.78
N ILE A 201 -8.83 22.50 8.69
CA ILE A 201 -7.54 22.00 9.18
C ILE A 201 -7.72 20.71 9.97
N SER A 202 -8.85 20.55 10.67
CA SER A 202 -9.09 19.30 11.40
C SER A 202 -9.13 18.11 10.47
N GLY A 203 -9.51 18.32 9.21
CA GLY A 203 -9.44 17.24 8.24
C GLY A 203 -8.01 16.81 7.97
N TRP A 204 -7.10 17.78 7.81
CA TRP A 204 -5.68 17.45 7.67
C TRP A 204 -5.17 16.70 8.88
N VAL A 205 -5.54 17.15 10.09
CA VAL A 205 -5.13 16.47 11.31
C VAL A 205 -5.61 15.03 11.32
N ALA A 206 -6.90 14.82 11.02
CA ALA A 206 -7.45 13.47 11.02
C ALA A 206 -6.77 12.57 9.99
N MET A 207 -6.44 13.12 8.81
CA MET A 207 -5.65 12.36 7.84
C MET A 207 -4.33 11.89 8.44
N LEU A 208 -3.60 12.80 9.09
CA LEU A 208 -2.29 12.41 9.63
C LEU A 208 -2.42 11.41 10.78
N GLU A 209 -3.49 11.53 11.58
CA GLU A 209 -3.71 10.54 12.63
C GLU A 209 -4.01 9.16 12.06
N HIS A 210 -4.85 9.09 11.03
CA HIS A 210 -5.11 7.80 10.37
C HIS A 210 -3.83 7.23 9.76
N ASN A 211 -3.02 8.07 9.11
CA ASN A 211 -1.78 7.56 8.51
C ASN A 211 -0.87 6.96 9.57
N LEU A 212 -0.77 7.60 10.74
CA LEU A 212 0.07 7.04 11.81
C LEU A 212 -0.37 5.64 12.17
N LYS A 213 -1.68 5.42 12.30
CA LYS A 213 -2.17 4.07 12.63
C LYS A 213 -1.79 3.07 11.54
N HIS A 214 -1.98 3.44 10.27
CA HIS A 214 -1.62 2.52 9.18
C HIS A 214 -0.14 2.17 9.21
N ILE A 215 0.72 3.16 9.41
CA ILE A 215 2.15 2.90 9.49
C ILE A 215 2.47 1.98 10.67
N GLU A 216 1.86 2.25 11.83
CA GLU A 216 2.08 1.39 12.99
C GLU A 216 1.67 -0.06 12.72
N TYR A 217 0.59 -0.28 11.96
CA TYR A 217 0.15 -1.65 11.65
C TYR A 217 1.19 -2.42 10.83
N SER A 218 2.07 -1.72 10.11
CA SER A 218 3.06 -2.36 9.26
C SER A 218 4.32 -2.77 9.99
N LEU A 219 4.52 -2.30 11.23
CA LEU A 219 5.79 -2.48 11.93
C LEU A 219 6.05 -3.91 12.40
N PRO A 220 5.05 -4.65 12.93
CA PRO A 220 5.34 -6.04 13.35
C PRO A 220 5.95 -6.92 12.27
N HIS A 221 5.51 -6.81 11.02
CA HIS A 221 6.06 -7.67 9.97
C HIS A 221 7.50 -7.28 9.63
N VAL A 222 7.79 -5.97 9.61
CA VAL A 222 9.16 -5.51 9.35
C VAL A 222 10.10 -5.94 10.48
N ALA A 223 9.56 -6.10 11.70
CA ALA A 223 10.39 -6.52 12.83
C ALA A 223 10.86 -7.98 12.74
N GLU A 224 10.28 -8.79 11.85
CA GLU A 224 10.71 -10.17 11.68
C GLU A 224 12.01 -10.24 10.88
N LEU A 225 12.99 -10.97 11.39
CA LEU A 225 14.33 -10.99 10.83
C LEU A 225 14.67 -12.35 10.23
N ALA A 226 15.34 -12.33 9.08
CA ALA A 226 15.70 -13.55 8.37
C ALA A 226 16.93 -14.24 8.96
N LEU A 227 17.72 -13.55 9.78
CA LEU A 227 19.01 -14.10 10.24
C LEU A 227 18.82 -15.44 10.94
N GLY A 228 19.57 -16.43 10.49
CA GLY A 228 19.42 -17.80 10.94
C GLY A 228 18.82 -18.72 9.90
N GLY A 229 18.23 -18.17 8.84
CA GLY A 229 17.77 -18.99 7.73
C GLY A 229 18.90 -19.54 6.87
N THR A 230 20.09 -18.96 6.99
CA THR A 230 21.24 -19.24 6.12
C THR A 230 20.91 -19.23 4.63
N ALA A 231 21.41 -20.21 3.88
CA ALA A 231 21.45 -20.07 2.42
C ALA A 231 20.06 -20.13 1.80
N VAL A 232 19.21 -21.06 2.24
CA VAL A 232 17.91 -21.29 1.60
C VAL A 232 16.75 -21.29 2.57
N GLY A 233 16.99 -21.06 3.86
CA GLY A 233 15.93 -20.98 4.85
C GLY A 233 15.89 -22.10 5.86
N THR A 234 16.64 -23.19 5.63
CA THR A 234 16.58 -24.34 6.51
C THR A 234 17.40 -24.16 7.78
N GLY A 235 18.31 -23.18 7.81
CA GLY A 235 19.21 -23.04 8.93
C GLY A 235 20.33 -24.05 8.98
N LEU A 236 20.59 -24.77 7.90
CA LEU A 236 21.71 -25.70 7.87
C LEU A 236 23.00 -24.95 8.22
N ASN A 237 23.79 -25.57 9.11
CA ASN A 237 25.07 -25.02 9.57
C ASN A 237 24.89 -23.87 10.58
N THR A 238 23.81 -23.89 11.35
CA THR A 238 23.65 -22.98 12.48
C THR A 238 23.30 -23.77 13.73
N HIS A 239 23.71 -23.21 14.86
CA HIS A 239 23.25 -23.71 16.15
C HIS A 239 21.74 -23.53 16.25
N PRO A 240 21.01 -24.48 16.84
CA PRO A 240 19.55 -24.36 16.91
C PRO A 240 19.03 -23.12 17.64
N GLU A 241 19.82 -22.53 18.55
CA GLU A 241 19.40 -21.35 19.28
C GLU A 241 19.85 -20.06 18.63
N TYR A 242 20.60 -20.13 17.53
CA TYR A 242 21.26 -18.95 16.99
C TYR A 242 20.27 -17.91 16.48
N ALA A 243 19.23 -18.34 15.77
CA ALA A 243 18.29 -17.37 15.18
C ALA A 243 17.60 -16.55 16.26
N ARG A 244 17.11 -17.22 17.30
CA ARG A 244 16.47 -16.52 18.41
C ARG A 244 17.45 -15.62 19.15
N ARG A 245 18.65 -16.13 19.43
CA ARG A 245 19.63 -15.36 20.20
C ARG A 245 20.04 -14.08 19.47
N VAL A 246 20.22 -14.14 18.14
CA VAL A 246 20.70 -12.96 17.44
C VAL A 246 19.60 -11.92 17.30
N ALA A 247 18.34 -12.35 17.11
CA ALA A 247 17.23 -11.40 17.14
C ALA A 247 17.11 -10.74 18.51
N ASP A 248 17.28 -11.52 19.59
CA ASP A 248 17.24 -10.95 20.93
C ASP A 248 18.34 -9.92 21.12
N GLU A 249 19.56 -10.24 20.66
CA GLU A 249 20.67 -9.30 20.83
C GLU A 249 20.45 -8.02 20.05
N LEU A 250 19.93 -8.14 18.82
CA LEU A 250 19.60 -6.92 18.06
C LEU A 250 18.52 -6.11 18.77
N ALA A 251 17.54 -6.77 19.37
CA ALA A 251 16.52 -6.04 20.12
C ALA A 251 17.12 -5.29 21.30
N VAL A 252 18.11 -5.90 21.96
CA VAL A 252 18.73 -5.25 23.11
C VAL A 252 19.49 -4.00 22.69
N ILE A 253 20.36 -4.12 21.69
CA ILE A 253 21.26 -3.04 21.35
C ILE A 253 20.55 -1.90 20.60
N THR A 254 19.41 -2.17 19.96
CA THR A 254 18.68 -1.14 19.26
C THR A 254 17.48 -0.60 20.03
N CYS A 255 17.05 -1.28 21.08
CA CYS A 255 15.84 -0.95 21.83
C CYS A 255 14.60 -0.95 20.93
N ALA A 256 14.57 -1.88 19.98
CA ALA A 256 13.44 -2.06 19.08
C ALA A 256 13.02 -3.52 19.11
N PRO A 257 11.73 -3.82 18.86
CA PRO A 257 11.20 -5.17 19.14
C PRO A 257 11.44 -6.19 18.02
N PHE A 258 12.71 -6.40 17.67
CA PHE A 258 13.05 -7.38 16.65
C PHE A 258 12.77 -8.80 17.15
N VAL A 259 12.26 -9.65 16.26
CA VAL A 259 12.03 -11.07 16.51
C VAL A 259 12.49 -11.87 15.30
N THR A 260 12.81 -13.15 15.53
CA THR A 260 13.19 -14.01 14.41
C THR A 260 11.95 -14.35 13.57
N ALA A 261 12.12 -14.39 12.25
CA ALA A 261 10.98 -14.62 11.38
C ALA A 261 10.43 -16.03 11.63
N PRO A 262 9.13 -16.18 11.91
CA PRO A 262 8.59 -17.53 12.12
C PRO A 262 8.72 -18.45 10.92
N ASN A 263 8.75 -17.91 9.70
CA ASN A 263 8.96 -18.71 8.50
C ASN A 263 10.13 -18.14 7.70
N LYS A 264 11.27 -18.82 7.73
CA LYS A 264 12.46 -18.30 7.08
C LYS A 264 12.37 -18.40 5.55
N PHE A 265 11.50 -19.25 5.02
CA PHE A 265 11.34 -19.34 3.57
C PHE A 265 10.64 -18.11 3.01
N GLU A 266 9.56 -17.68 3.67
CA GLU A 266 8.96 -16.39 3.34
C GLU A 266 9.96 -15.26 3.52
N ALA A 267 10.82 -15.35 4.54
CA ALA A 267 11.73 -14.25 4.85
C ALA A 267 12.84 -14.12 3.80
N LEU A 268 13.28 -15.23 3.21
N LEU A 268 13.27 -15.24 3.21
CA LEU A 268 14.34 -15.19 2.21
CA LEU A 268 14.33 -15.20 2.21
C LEU A 268 13.81 -15.03 0.79
C LEU A 268 13.81 -15.04 0.79
N ALA A 269 12.63 -15.58 0.50
CA ALA A 269 12.11 -15.61 -0.86
C ALA A 269 11.33 -14.37 -1.25
N THR A 270 11.07 -13.45 -0.31
CA THR A 270 10.23 -12.28 -0.58
C THR A 270 10.79 -11.05 0.11
N CYS A 271 10.26 -9.90 -0.34
CA CYS A 271 10.35 -8.61 0.32
C CYS A 271 8.97 -8.15 0.76
N ASP A 272 8.11 -9.09 1.16
CA ASP A 272 6.69 -8.78 1.35
C ASP A 272 6.46 -7.73 2.45
N ALA A 273 7.17 -7.84 3.57
CA ALA A 273 7.00 -6.86 4.65
C ALA A 273 7.26 -5.44 4.17
N LEU A 274 8.26 -5.25 3.31
CA LEU A 274 8.55 -3.91 2.79
C LEU A 274 7.56 -3.48 1.71
N VAL A 275 7.06 -4.41 0.89
CA VAL A 275 6.00 -4.07 -0.04
C VAL A 275 4.79 -3.53 0.72
N GLN A 276 4.42 -4.21 1.81
CA GLN A 276 3.26 -3.77 2.59
C GLN A 276 3.53 -2.45 3.32
N ALA A 277 4.68 -2.35 3.98
CA ALA A 277 4.99 -1.11 4.69
C ALA A 277 5.06 0.08 3.74
N HIS A 278 5.58 -0.13 2.53
CA HIS A 278 5.63 0.98 1.60
C HIS A 278 4.24 1.36 1.11
N GLY A 279 3.30 0.41 1.09
CA GLY A 279 1.91 0.76 0.83
C GLY A 279 1.38 1.81 1.80
N ALA A 280 1.75 1.72 3.08
CA ALA A 280 1.31 2.75 4.01
C ALA A 280 2.02 4.08 3.74
N LEU A 281 3.29 4.03 3.30
CA LEU A 281 4.01 5.25 2.98
C LEU A 281 3.44 5.96 1.75
N LYS A 282 3.03 5.21 0.71
CA LYS A 282 2.40 5.88 -0.42
C LYS A 282 1.03 6.45 -0.04
N GLY A 283 0.36 5.84 0.94
CA GLY A 283 -0.83 6.48 1.50
C GLY A 283 -0.51 7.82 2.14
N LEU A 284 0.54 7.86 2.96
CA LEU A 284 0.96 9.12 3.55
C LEU A 284 1.32 10.15 2.48
N ALA A 285 1.98 9.72 1.40
CA ALA A 285 2.33 10.65 0.33
C ALA A 285 1.08 11.25 -0.32
N ALA A 286 0.02 10.45 -0.51
CA ALA A 286 -1.20 11.00 -1.09
C ALA A 286 -1.88 12.00 -0.15
N SER A 287 -1.83 11.74 1.17
CA SER A 287 -2.39 12.68 2.13
C SER A 287 -1.58 13.96 2.18
N LEU A 288 -0.24 13.85 2.25
CA LEU A 288 0.60 15.05 2.28
C LEU A 288 0.46 15.87 1.01
N MET A 289 0.30 15.21 -0.15
CA MET A 289 0.10 15.95 -1.38
C MET A 289 -1.12 16.84 -1.27
N LYS A 290 -2.22 16.29 -0.75
CA LYS A 290 -3.46 17.04 -0.62
C LYS A 290 -3.31 18.19 0.36
N ILE A 291 -2.68 17.94 1.51
CA ILE A 291 -2.49 18.99 2.51
C ILE A 291 -1.61 20.11 1.94
N ALA A 292 -0.50 19.74 1.29
CA ALA A 292 0.39 20.75 0.75
C ALA A 292 -0.30 21.57 -0.33
N ASN A 293 -1.13 20.92 -1.17
CA ASN A 293 -1.85 21.66 -2.20
C ASN A 293 -2.89 22.60 -1.61
N ASP A 294 -3.63 22.16 -0.60
CA ASP A 294 -4.56 23.07 0.08
C ASP A 294 -3.82 24.31 0.59
N VAL A 295 -2.67 24.11 1.25
CA VAL A 295 -1.92 25.23 1.80
C VAL A 295 -1.51 26.21 0.71
N ARG A 296 -0.92 25.71 -0.38
CA ARG A 296 -0.45 26.66 -1.40
C ARG A 296 -1.58 27.31 -2.17
N TRP A 297 -2.68 26.57 -2.46
CA TRP A 297 -3.81 27.24 -3.10
C TRP A 297 -4.45 28.28 -2.17
N LEU A 298 -4.61 27.96 -0.89
CA LEU A 298 -5.22 28.94 0.02
C LEU A 298 -4.33 30.17 0.21
N ALA A 299 -3.02 30.03 0.03
CA ALA A 299 -2.12 31.17 0.18
C ALA A 299 -1.86 31.90 -1.13
N SER A 300 -2.47 31.46 -2.23
CA SER A 300 -2.17 32.01 -3.55
C SER A 300 -2.59 33.48 -3.64
N GLY A 301 -1.75 34.28 -4.28
CA GLY A 301 -2.00 35.69 -4.44
C GLY A 301 -0.77 36.43 -4.94
N PRO A 302 -0.56 37.66 -4.48
CA PRO A 302 -1.31 38.28 -3.37
C PRO A 302 -2.70 38.83 -3.71
N ARG A 303 -3.05 38.96 -4.99
CA ARG A 303 -4.29 39.63 -5.37
C ARG A 303 -5.17 38.89 -6.38
N CYS A 304 -4.65 37.86 -7.06
CA CYS A 304 -5.39 37.24 -8.16
C CYS A 304 -5.64 35.76 -7.93
N GLY A 305 -5.61 35.33 -6.67
CA GLY A 305 -5.84 33.94 -6.32
C GLY A 305 -6.89 33.82 -5.23
N ILE A 306 -6.61 32.99 -4.22
CA ILE A 306 -7.54 32.81 -3.11
C ILE A 306 -7.14 33.71 -1.94
N GLY A 307 -5.94 33.51 -1.41
CA GLY A 307 -5.38 34.45 -0.43
C GLY A 307 -5.99 34.43 0.94
N GLU A 308 -6.61 33.30 1.33
CA GLU A 308 -7.26 33.21 2.64
C GLU A 308 -6.27 33.03 3.78
N ILE A 309 -5.06 32.52 3.50
CA ILE A 309 -4.03 32.37 4.53
C ILE A 309 -2.73 32.97 4.03
N SER A 310 -1.83 33.22 4.97
N SER A 310 -1.85 33.26 4.98
CA SER A 310 -0.46 33.62 4.70
CA SER A 310 -0.46 33.61 4.70
C SER A 310 0.49 32.58 5.27
C SER A 310 0.45 32.50 5.21
N ILE A 311 1.62 32.39 4.59
CA ILE A 311 2.66 31.46 5.02
C ILE A 311 3.95 32.23 5.21
N PRO A 312 4.87 31.71 6.03
CA PRO A 312 6.17 32.36 6.19
C PRO A 312 6.93 32.51 4.87
N GLU A 313 7.61 33.66 4.72
CA GLU A 313 8.41 33.94 3.53
C GLU A 313 9.88 33.70 3.88
N ASN A 314 10.47 32.65 3.31
CA ASN A 314 11.79 32.19 3.71
C ASN A 314 12.89 32.57 2.72
N GLU A 315 12.53 32.90 1.48
CA GLU A 315 13.45 33.18 0.40
C GLU A 315 13.33 34.64 -0.01
N PRO A 316 14.43 35.24 -0.48
CA PRO A 316 14.37 36.64 -0.89
C PRO A 316 13.45 36.84 -2.08
N GLY A 317 12.81 38.01 -2.10
CA GLY A 317 11.99 38.42 -3.20
C GLY A 317 12.60 39.58 -3.97
N SER A 318 11.81 40.14 -4.87
CA SER A 318 12.21 41.31 -5.63
C SER A 318 11.65 42.54 -4.94
N SER A 319 12.50 43.55 -4.76
CA SER A 319 12.05 44.82 -4.20
C SER A 319 10.83 45.34 -4.94
N ILE A 320 10.74 45.11 -6.24
CA ILE A 320 9.65 45.65 -7.03
C ILE A 320 8.41 44.74 -6.97
N MET A 321 8.44 43.74 -6.07
CA MET A 321 7.37 42.73 -6.00
C MET A 321 6.98 42.43 -4.56
N PRO A 322 6.43 43.43 -3.86
CA PRO A 322 6.02 43.20 -2.47
C PRO A 322 4.76 42.36 -2.39
N GLY A 323 4.73 41.46 -1.42
CA GLY A 323 3.58 40.62 -1.18
C GLY A 323 3.59 39.29 -1.89
N LYS A 324 4.49 39.08 -2.85
CA LYS A 324 4.57 37.78 -3.50
C LYS A 324 5.41 36.83 -2.67
N VAL A 325 4.86 35.66 -2.37
CA VAL A 325 5.54 34.63 -1.59
C VAL A 325 5.35 33.30 -2.32
N ASN A 326 6.43 32.77 -2.91
CA ASN A 326 6.33 31.45 -3.54
C ASN A 326 6.23 30.38 -2.45
N PRO A 327 5.32 29.42 -2.57
CA PRO A 327 5.15 28.37 -1.54
C PRO A 327 6.17 27.26 -1.73
N THR A 328 7.43 27.56 -1.44
CA THR A 328 8.51 26.66 -1.83
C THR A 328 8.54 25.39 -0.98
N GLN A 329 8.18 25.46 0.31
CA GLN A 329 8.09 24.23 1.08
C GLN A 329 7.00 23.31 0.52
N CYS A 330 5.88 23.89 0.06
CA CYS A 330 4.81 23.09 -0.53
C CYS A 330 5.29 22.43 -1.81
N GLU A 331 6.12 23.13 -2.59
CA GLU A 331 6.64 22.58 -3.83
C GLU A 331 7.62 21.42 -3.58
N ALA A 332 8.51 21.57 -2.60
CA ALA A 332 9.41 20.47 -2.27
C ALA A 332 8.62 19.24 -1.81
N LEU A 333 7.57 19.47 -1.00
CA LEU A 333 6.80 18.36 -0.47
C LEU A 333 5.98 17.66 -1.55
N THR A 334 5.31 18.43 -2.43
CA THR A 334 4.57 17.77 -3.51
C THR A 334 5.51 17.00 -4.45
N MET A 335 6.71 17.53 -4.71
CA MET A 335 7.67 16.80 -5.53
C MET A 335 8.05 15.47 -4.89
N LEU A 336 8.36 15.47 -3.60
CA LEU A 336 8.79 14.20 -2.99
C LEU A 336 7.63 13.22 -2.86
N CYS A 337 6.39 13.72 -2.80
CA CYS A 337 5.24 12.83 -2.79
C CYS A 337 5.13 12.08 -4.11
N CYS A 338 5.41 12.75 -5.21
CA CYS A 338 5.45 12.07 -6.50
C CYS A 338 6.55 11.00 -6.51
N GLN A 339 7.71 11.33 -5.93
CA GLN A 339 8.81 10.38 -5.85
C GLN A 339 8.40 9.12 -5.13
N VAL A 340 7.69 9.25 -4.01
CA VAL A 340 7.25 8.08 -3.24
C VAL A 340 6.34 7.19 -4.08
N MET A 341 5.45 7.80 -4.88
CA MET A 341 4.57 7.00 -5.73
C MET A 341 5.36 6.19 -6.75
N GLY A 342 6.38 6.79 -7.36
CA GLY A 342 7.21 6.04 -8.29
C GLY A 342 8.01 4.96 -7.61
N ASN A 343 8.61 5.29 -6.46
CA ASN A 343 9.35 4.30 -5.68
C ASN A 343 8.48 3.09 -5.34
N ASP A 344 7.18 3.31 -5.10
CA ASP A 344 6.31 2.19 -4.77
C ASP A 344 6.22 1.20 -5.93
N VAL A 345 6.17 1.70 -7.17
CA VAL A 345 6.12 0.83 -8.35
C VAL A 345 7.41 0.02 -8.47
N ALA A 346 8.56 0.67 -8.31
CA ALA A 346 9.84 -0.06 -8.36
C ALA A 346 9.88 -1.16 -7.30
N ILE A 347 9.45 -0.85 -6.07
CA ILE A 347 9.40 -1.84 -5.00
C ILE A 347 8.45 -2.98 -5.34
N ASN A 348 7.27 -2.65 -5.87
CA ASN A 348 6.29 -3.70 -6.18
C ASN A 348 6.84 -4.64 -7.24
N MET A 349 7.52 -4.11 -8.25
CA MET A 349 8.08 -4.97 -9.28
C MET A 349 9.17 -5.86 -8.70
N GLY A 350 10.08 -5.31 -7.90
CA GLY A 350 11.08 -6.15 -7.25
C GLY A 350 10.47 -7.20 -6.33
N GLY A 351 9.47 -6.79 -5.54
CA GLY A 351 8.82 -7.72 -4.62
C GLY A 351 8.06 -8.84 -5.31
N ALA A 352 7.52 -8.58 -6.50
CA ALA A 352 6.77 -9.59 -7.24
C ALA A 352 7.68 -10.59 -7.94
N SER A 353 9.00 -10.36 -7.93
CA SER A 353 9.92 -11.03 -8.85
C SER A 353 10.86 -12.01 -8.17
N GLY A 354 10.55 -12.47 -6.96
CA GLY A 354 11.32 -13.55 -6.36
C GLY A 354 11.20 -14.84 -7.15
N ASN A 355 12.22 -15.70 -7.03
CA ASN A 355 12.17 -17.03 -7.63
C ASN A 355 12.66 -18.05 -6.62
N PHE A 356 11.84 -19.06 -6.33
CA PHE A 356 12.26 -20.21 -5.53
C PHE A 356 12.72 -19.72 -4.17
N GLU A 357 13.97 -19.98 -3.76
CA GLU A 357 14.35 -19.77 -2.37
C GLU A 357 14.80 -18.34 -2.06
N LEU A 358 15.00 -17.48 -3.07
CA LEU A 358 15.62 -16.18 -2.81
C LEU A 358 15.05 -15.10 -3.72
N ASN A 359 14.71 -13.97 -3.13
CA ASN A 359 14.45 -12.75 -3.90
C ASN A 359 15.78 -12.03 -4.10
N VAL A 360 16.14 -11.80 -5.37
CA VAL A 360 17.40 -11.13 -5.71
C VAL A 360 17.16 -9.79 -6.40
N PHE A 361 16.23 -9.01 -5.84
CA PHE A 361 16.02 -7.62 -6.22
C PHE A 361 16.26 -6.70 -5.03
N ARG A 362 17.08 -7.16 -4.06
CA ARG A 362 17.07 -6.55 -2.73
C ARG A 362 17.73 -5.18 -2.65
N PRO A 363 18.93 -4.95 -3.20
CA PRO A 363 19.50 -3.60 -3.12
C PRO A 363 18.56 -2.54 -3.68
N MET A 364 17.89 -2.83 -4.78
CA MET A 364 16.96 -1.87 -5.37
C MET A 364 15.75 -1.63 -4.45
N VAL A 365 15.19 -2.70 -3.89
CA VAL A 365 14.04 -2.53 -3.00
C VAL A 365 14.40 -1.65 -1.81
N ILE A 366 15.53 -1.92 -1.15
CA ILE A 366 15.87 -1.15 0.05
C ILE A 366 16.32 0.27 -0.30
N HIS A 367 16.97 0.46 -1.46
CA HIS A 367 17.31 1.81 -1.90
C HIS A 367 16.06 2.68 -2.00
N ASN A 368 15.01 2.16 -2.64
CA ASN A 368 13.77 2.91 -2.75
C ASN A 368 13.08 3.08 -1.40
N PHE A 369 13.03 2.01 -0.59
CA PHE A 369 12.30 2.10 0.67
C PHE A 369 12.93 3.13 1.60
N LEU A 370 14.24 3.07 1.78
CA LEU A 370 14.89 4.01 2.69
C LEU A 370 14.87 5.43 2.14
N GLN A 371 14.90 5.59 0.81
CA GLN A 371 14.73 6.93 0.25
C GLN A 371 13.36 7.50 0.60
N SER A 372 12.32 6.69 0.43
CA SER A 372 10.98 7.18 0.76
C SER A 372 10.88 7.59 2.22
N VAL A 373 11.51 6.83 3.12
CA VAL A 373 11.45 7.21 4.54
C VAL A 373 12.20 8.53 4.78
N ARG A 374 13.39 8.71 4.19
CA ARG A 374 14.11 9.98 4.35
C ARG A 374 13.27 11.14 3.83
N LEU A 375 12.69 10.96 2.64
CA LEU A 375 11.93 12.05 2.01
C LEU A 375 10.72 12.44 2.86
N LEU A 376 9.94 11.45 3.31
CA LEU A 376 8.74 11.75 4.09
C LEU A 376 9.09 12.31 5.46
N ALA A 377 10.07 11.70 6.15
CA ALA A 377 10.47 12.20 7.46
C ALA A 377 11.03 13.61 7.36
N ASP A 378 12.05 13.82 6.51
CA ASP A 378 12.69 15.13 6.43
C ASP A 378 11.74 16.16 5.80
N GLY A 379 10.92 15.72 4.84
CA GLY A 379 9.94 16.62 4.24
C GLY A 379 8.92 17.11 5.25
N MET A 380 8.39 16.22 6.09
CA MET A 380 7.48 16.67 7.14
C MET A 380 8.20 17.58 8.14
N GLU A 381 9.45 17.24 8.49
CA GLU A 381 10.22 18.09 9.40
C GLU A 381 10.38 19.49 8.82
N SER A 382 10.73 19.57 7.54
CA SER A 382 10.98 20.86 6.90
C SER A 382 9.69 21.64 6.72
N PHE A 383 8.64 20.98 6.22
CA PHE A 383 7.35 21.63 6.04
C PHE A 383 6.81 22.17 7.36
N ASN A 384 6.99 21.40 8.45
CA ASN A 384 6.51 21.84 9.75
C ASN A 384 7.23 23.10 10.21
N LYS A 385 8.57 23.06 10.25
CA LYS A 385 9.30 24.16 10.86
C LYS A 385 9.36 25.40 9.97
N HIS A 386 9.29 25.22 8.64
CA HIS A 386 9.44 26.34 7.72
C HIS A 386 8.12 26.79 7.09
N CYS A 387 6.99 26.16 7.43
CA CYS A 387 5.72 26.61 6.88
C CYS A 387 4.59 26.44 7.91
N ALA A 388 4.32 25.21 8.36
CA ALA A 388 3.11 24.95 9.12
C ALA A 388 3.03 25.76 10.42
N VAL A 389 4.15 25.88 11.16
CA VAL A 389 4.10 26.56 12.45
C VAL A 389 3.69 28.02 12.31
N GLY A 390 3.84 28.61 11.13
CA GLY A 390 3.56 30.01 10.89
C GLY A 390 2.36 30.31 10.02
N ILE A 391 1.50 29.33 9.73
CA ILE A 391 0.29 29.60 8.97
C ILE A 391 -0.59 30.57 9.74
N GLU A 392 -1.10 31.60 9.07
CA GLU A 392 -2.00 32.55 9.69
C GLU A 392 -3.16 32.88 8.75
N PRO A 393 -4.34 33.16 9.29
CA PRO A 393 -5.46 33.59 8.45
C PRO A 393 -5.31 35.03 8.01
N ASN A 394 -5.84 35.32 6.82
CA ASN A 394 -6.06 36.70 6.36
C ASN A 394 -7.54 36.97 6.59
N ARG A 395 -7.86 37.53 7.76
N ARG A 395 -7.86 37.53 7.76
CA ARG A 395 -9.24 37.60 8.22
CA ARG A 395 -9.25 37.60 8.21
C ARG A 395 -10.10 38.51 7.32
C ARG A 395 -10.10 38.51 7.32
N GLU A 396 -9.54 39.64 6.89
CA GLU A 396 -10.31 40.55 6.05
C GLU A 396 -10.63 39.92 4.69
N ARG A 397 -9.65 39.20 4.11
CA ARG A 397 -9.89 38.54 2.83
C ARG A 397 -10.89 37.40 2.98
N ILE A 398 -10.78 36.62 4.06
CA ILE A 398 -11.74 35.54 4.30
C ILE A 398 -13.16 36.10 4.32
N ASN A 399 -13.35 37.20 5.06
CA ASN A 399 -14.68 37.78 5.18
C ASN A 399 -15.14 38.41 3.86
N GLN A 400 -14.22 39.02 3.11
CA GLN A 400 -14.59 39.61 1.83
C GLN A 400 -15.14 38.55 0.89
N LEU A 401 -14.45 37.40 0.79
CA LEU A 401 -14.93 36.35 -0.10
C LEU A 401 -16.25 35.80 0.39
N LEU A 402 -16.39 35.56 1.70
N LEU A 402 -16.37 35.53 1.70
CA LEU A 402 -17.62 35.03 2.25
CA LEU A 402 -17.62 35.04 2.27
C LEU A 402 -18.80 35.94 1.97
C LEU A 402 -18.79 35.95 1.90
N ASN A 403 -18.64 37.24 2.20
CA ASN A 403 -19.73 38.20 2.01
C ASN A 403 -20.03 38.49 0.54
N GLU A 404 -19.06 38.32 -0.35
CA GLU A 404 -19.30 38.50 -1.77
C GLU A 404 -19.88 37.26 -2.44
N SER A 405 -19.89 36.11 -1.76
CA SER A 405 -20.38 34.89 -2.34
C SER A 405 -21.90 34.91 -2.39
N LEU A 406 -22.45 33.96 -3.14
CA LEU A 406 -23.88 33.73 -3.16
C LEU A 406 -24.31 32.62 -2.19
N MET A 407 -23.36 31.99 -1.48
CA MET A 407 -23.64 30.77 -0.74
C MET A 407 -24.16 31.00 0.68
N LEU A 408 -24.38 32.24 1.09
CA LEU A 408 -25.02 32.48 2.37
C LEU A 408 -26.53 32.66 2.24
N VAL A 409 -27.07 32.55 1.03
CA VAL A 409 -28.46 32.93 0.78
C VAL A 409 -29.46 32.08 1.57
N THR A 410 -29.12 30.82 1.89
CA THR A 410 -30.11 29.98 2.56
C THR A 410 -30.41 30.45 3.97
N ALA A 411 -29.59 31.33 4.55
CA ALA A 411 -29.92 31.94 5.83
C ALA A 411 -31.19 32.79 5.75
N LEU A 412 -31.60 33.18 4.55
CA LEU A 412 -32.82 33.96 4.38
C LEU A 412 -34.08 33.10 4.37
N ASN A 413 -33.97 31.79 4.10
CA ASN A 413 -35.16 30.96 3.84
C ASN A 413 -36.16 31.02 4.99
N THR A 414 -35.71 30.88 6.24
N THR A 414 -35.70 30.90 6.24
CA THR A 414 -36.66 30.86 7.34
CA THR A 414 -36.62 30.86 7.37
C THR A 414 -37.38 32.19 7.53
C THR A 414 -37.32 32.20 7.59
N HIS A 415 -36.80 33.29 7.02
CA HIS A 415 -37.36 34.61 7.22
C HIS A 415 -38.29 35.04 6.10
N ILE A 416 -37.89 34.85 4.85
CA ILE A 416 -38.67 35.33 3.70
C ILE A 416 -39.14 34.22 2.79
N GLY A 417 -38.75 32.98 3.02
CA GLY A 417 -39.17 31.84 2.21
C GLY A 417 -38.19 31.54 1.10
N TYR A 418 -38.21 30.27 0.68
CA TYR A 418 -37.31 29.79 -0.38
C TYR A 418 -37.48 30.58 -1.68
N ASP A 419 -38.72 30.82 -2.11
CA ASP A 419 -38.92 31.41 -3.43
C ASP A 419 -38.28 32.79 -3.52
N LYS A 420 -38.46 33.63 -2.49
CA LYS A 420 -37.87 34.96 -2.51
C LYS A 420 -36.36 34.91 -2.35
N ALA A 421 -35.85 33.99 -1.53
CA ALA A 421 -34.41 33.84 -1.39
C ALA A 421 -33.77 33.43 -2.72
N ALA A 422 -34.39 32.49 -3.42
CA ALA A 422 -33.87 32.08 -4.73
C ALA A 422 -33.94 33.24 -5.73
N GLU A 423 -35.03 34.02 -5.69
CA GLU A 423 -35.11 35.18 -6.57
C GLU A 423 -33.97 36.16 -6.32
N ILE A 424 -33.64 36.40 -5.04
CA ILE A 424 -32.53 37.29 -4.69
C ILE A 424 -31.21 36.76 -5.25
N ALA A 425 -30.95 35.46 -5.05
CA ALA A 425 -29.69 34.89 -5.52
C ALA A 425 -29.58 34.96 -7.04
N LYS A 426 -30.69 34.69 -7.75
CA LYS A 426 -30.66 34.78 -9.21
C LYS A 426 -30.40 36.20 -9.69
N LYS A 427 -31.06 37.18 -9.07
CA LYS A 427 -30.83 38.57 -9.43
C LYS A 427 -29.39 38.97 -9.16
N ALA A 428 -28.85 38.59 -8.00
CA ALA A 428 -27.47 38.91 -7.68
C ALA A 428 -26.51 38.31 -8.70
N HIS A 429 -26.73 37.05 -9.08
CA HIS A 429 -25.85 36.43 -10.07
C HIS A 429 -25.97 37.11 -11.43
N LYS A 430 -27.20 37.33 -11.89
CA LYS A 430 -27.40 37.89 -13.23
C LYS A 430 -26.87 39.32 -13.34
N GLU A 431 -26.99 40.11 -12.27
CA GLU A 431 -26.65 41.52 -12.32
C GLU A 431 -25.30 41.86 -11.70
N GLY A 432 -24.58 40.88 -11.18
CA GLY A 432 -23.29 41.16 -10.58
C GLY A 432 -23.36 41.91 -9.26
N LEU A 433 -24.34 41.59 -8.42
CA LEU A 433 -24.53 42.26 -7.14
C LEU A 433 -24.19 41.32 -5.99
N THR A 434 -23.98 41.92 -4.82
CA THR A 434 -23.99 41.13 -3.60
C THR A 434 -25.42 40.70 -3.31
N LEU A 435 -25.54 39.66 -2.45
CA LEU A 435 -26.87 39.22 -2.04
C LEU A 435 -27.61 40.35 -1.33
N LYS A 436 -26.91 41.11 -0.49
CA LYS A 436 -27.54 42.22 0.23
C LYS A 436 -28.06 43.28 -0.74
N ALA A 437 -27.25 43.65 -1.74
CA ALA A 437 -27.68 44.67 -2.69
C ALA A 437 -28.90 44.20 -3.49
N ALA A 438 -28.92 42.91 -3.89
CA ALA A 438 -30.06 42.40 -4.62
C ALA A 438 -31.32 42.37 -3.75
N ALA A 439 -31.18 41.97 -2.48
CA ALA A 439 -32.33 41.90 -1.58
C ALA A 439 -32.92 43.29 -1.32
N LEU A 440 -32.04 44.29 -1.12
CA LEU A 440 -32.51 45.67 -0.92
C LEU A 440 -33.17 46.22 -2.18
N ALA A 441 -32.61 45.91 -3.36
CA ALA A 441 -33.16 46.41 -4.61
C ALA A 441 -34.58 45.89 -4.85
N LEU A 442 -34.87 44.67 -4.41
CA LEU A 442 -36.21 44.10 -4.56
C LEU A 442 -37.16 44.55 -3.46
N GLY A 443 -36.64 45.17 -2.40
CA GLY A 443 -37.48 45.62 -1.31
C GLY A 443 -37.95 44.53 -0.39
N TYR A 444 -37.25 43.41 -0.32
CA TYR A 444 -37.71 42.27 0.46
C TYR A 444 -37.26 42.30 1.92
N LEU A 445 -36.31 43.17 2.26
CA LEU A 445 -35.82 43.27 3.63
C LEU A 445 -35.01 44.57 3.73
N SER A 446 -34.67 44.94 4.97
CA SER A 446 -33.82 46.09 5.24
C SER A 446 -32.38 45.64 5.46
N GLU A 447 -31.46 46.61 5.46
CA GLU A 447 -30.07 46.28 5.71
C GLU A 447 -29.88 45.70 7.10
N ALA A 448 -30.58 46.26 8.10
CA ALA A 448 -30.49 45.74 9.46
C ALA A 448 -31.00 44.30 9.54
N GLU A 449 -32.08 43.98 8.81
CA GLU A 449 -32.56 42.61 8.81
C GLU A 449 -31.54 41.67 8.18
N PHE A 450 -30.96 42.07 7.05
CA PHE A 450 -29.93 41.23 6.43
C PHE A 450 -28.79 40.94 7.40
N ASP A 451 -28.28 41.98 8.06
CA ASP A 451 -27.17 41.78 8.98
C ASP A 451 -27.55 40.92 10.18
N SER A 452 -28.80 41.01 10.63
CA SER A 452 -29.27 40.20 11.75
C SER A 452 -29.45 38.74 11.35
N TRP A 453 -29.93 38.49 10.12
CA TRP A 453 -30.36 37.17 9.70
C TRP A 453 -29.25 36.32 9.09
N VAL A 454 -28.33 36.95 8.36
CA VAL A 454 -27.33 36.21 7.58
C VAL A 454 -26.10 36.08 8.46
N ARG A 455 -26.03 34.99 9.22
CA ARG A 455 -24.99 34.78 10.23
C ARG A 455 -24.17 33.54 9.87
N PRO A 456 -22.98 33.70 9.30
CA PRO A 456 -22.19 32.51 8.91
C PRO A 456 -21.80 31.62 10.08
N GLU A 457 -21.65 32.20 11.27
CA GLU A 457 -21.30 31.43 12.46
C GLU A 457 -22.41 30.48 12.90
N GLN A 458 -23.62 30.62 12.36
CA GLN A 458 -24.72 29.70 12.61
C GLN A 458 -24.88 28.66 11.50
N MET A 459 -23.97 28.64 10.53
CA MET A 459 -24.13 27.80 9.34
C MET A 459 -23.06 26.73 9.22
N VAL A 460 -22.34 26.44 10.30
CA VAL A 460 -21.21 25.51 10.29
C VAL A 460 -21.40 24.35 11.25
N GLY A 461 -22.60 24.16 11.77
CA GLY A 461 -22.85 23.13 12.76
C GLY A 461 -22.33 23.54 14.12
N THR B 3 -43.46 5.09 -26.94
CA THR B 3 -42.13 4.50 -26.79
C THR B 3 -41.24 5.37 -25.89
N VAL B 4 -41.65 6.62 -25.67
CA VAL B 4 -40.94 7.54 -24.78
C VAL B 4 -41.95 8.26 -23.91
N ARG B 5 -41.48 8.72 -22.75
CA ARG B 5 -42.21 9.68 -21.93
C ARG B 5 -41.33 10.91 -21.74
N SER B 6 -41.97 12.02 -21.36
CA SER B 6 -41.28 13.28 -21.15
C SER B 6 -41.06 13.50 -19.65
N GLU B 7 -39.81 13.55 -19.24
CA GLU B 7 -39.45 13.88 -17.88
C GLU B 7 -38.81 15.26 -17.82
N LYS B 8 -38.76 15.82 -16.62
CA LYS B 8 -38.31 17.20 -16.44
C LYS B 8 -37.32 17.29 -15.28
N ASP B 9 -36.34 18.18 -15.45
CA ASP B 9 -35.54 18.65 -14.34
C ASP B 9 -35.45 20.17 -14.44
N SER B 10 -34.54 20.80 -13.70
CA SER B 10 -34.44 22.25 -13.72
C SER B 10 -33.99 22.81 -15.07
N MET B 11 -33.48 21.96 -15.97
CA MET B 11 -33.05 22.41 -17.29
C MET B 11 -34.12 22.30 -18.36
N GLY B 12 -35.25 21.63 -18.08
CA GLY B 12 -36.31 21.51 -19.04
C GLY B 12 -36.73 20.07 -19.20
N ALA B 13 -37.43 19.81 -20.30
CA ALA B 13 -37.99 18.49 -20.59
C ALA B 13 -37.06 17.70 -21.50
N ILE B 14 -37.08 16.38 -21.33
CA ILE B 14 -36.25 15.48 -22.12
C ILE B 14 -36.97 14.16 -22.24
N ASP B 15 -36.88 13.54 -23.42
CA ASP B 15 -37.53 12.25 -23.65
C ASP B 15 -36.72 11.14 -22.99
N VAL B 16 -37.39 10.28 -22.24
N VAL B 16 -37.42 10.25 -22.30
CA VAL B 16 -36.74 9.10 -21.68
CA VAL B 16 -36.84 9.10 -21.59
C VAL B 16 -37.49 7.86 -22.16
C VAL B 16 -37.51 7.85 -22.15
N PRO B 17 -36.80 6.73 -22.35
CA PRO B 17 -37.47 5.52 -22.83
C PRO B 17 -38.59 5.09 -21.90
N ALA B 18 -39.76 4.81 -22.47
CA ALA B 18 -40.91 4.47 -21.66
C ALA B 18 -40.68 3.20 -20.85
N ASP B 19 -39.92 2.25 -21.39
CA ASP B 19 -39.70 0.98 -20.69
C ASP B 19 -38.54 1.04 -19.69
N LYS B 20 -38.04 2.23 -19.34
CA LYS B 20 -36.99 2.36 -18.35
C LYS B 20 -37.51 3.15 -17.15
N LEU B 21 -36.82 2.98 -16.01
CA LEU B 21 -37.23 3.58 -14.74
C LEU B 21 -36.43 4.81 -14.36
N TRP B 22 -35.38 5.16 -15.10
CA TRP B 22 -34.62 6.35 -14.74
C TRP B 22 -35.38 7.60 -15.19
N GLY B 23 -34.80 8.77 -14.89
CA GLY B 23 -35.46 10.02 -15.18
C GLY B 23 -34.65 11.02 -16.00
N ALA B 24 -35.00 12.30 -15.87
CA ALA B 24 -34.41 13.32 -16.73
C ALA B 24 -32.90 13.42 -16.55
N GLN B 25 -32.43 13.39 -15.30
CA GLN B 25 -31.01 13.64 -15.07
C GLN B 25 -30.15 12.50 -15.57
N THR B 26 -30.62 11.25 -15.39
CA THR B 26 -29.90 10.11 -15.92
C THR B 26 -29.86 10.16 -17.44
N GLN B 27 -30.98 10.54 -18.06
CA GLN B 27 -31.02 10.66 -19.52
C GLN B 27 -30.03 11.71 -20.01
N ARG B 28 -29.95 12.86 -19.32
CA ARG B 28 -28.99 13.88 -19.69
C ARG B 28 -27.56 13.36 -19.57
N SER B 29 -27.27 12.59 -18.51
N SER B 29 -27.28 12.61 -18.50
CA SER B 29 -25.94 12.05 -18.32
CA SER B 29 -25.94 12.05 -18.32
C SER B 29 -25.53 11.14 -19.46
C SER B 29 -25.54 11.15 -19.47
N LEU B 30 -26.49 10.41 -20.04
CA LEU B 30 -26.20 9.58 -21.21
C LEU B 30 -25.86 10.42 -22.44
N GLU B 31 -26.29 11.67 -22.48
CA GLU B 31 -25.86 12.55 -23.57
C GLU B 31 -24.46 13.09 -23.36
N HIS B 32 -24.03 13.25 -22.10
CA HIS B 32 -22.84 14.04 -21.81
C HIS B 32 -21.63 13.22 -21.39
N PHE B 33 -21.78 11.94 -21.05
CA PHE B 33 -20.66 11.13 -20.56
C PHE B 33 -20.59 9.82 -21.34
N ARG B 34 -20.45 9.96 -22.67
CA ARG B 34 -20.41 8.82 -23.58
C ARG B 34 -18.95 8.40 -23.78
N ILE B 35 -18.38 7.86 -22.71
CA ILE B 35 -16.94 7.63 -22.66
C ILE B 35 -16.70 6.16 -22.39
N SER B 36 -16.11 5.46 -23.36
CA SER B 36 -15.71 4.06 -23.20
C SER B 36 -16.91 3.18 -22.87
N THR B 37 -16.66 2.07 -22.16
CA THR B 37 -17.65 1.06 -21.89
C THR B 37 -17.80 0.71 -20.41
N GLU B 38 -16.93 1.23 -19.53
CA GLU B 38 -16.97 0.88 -18.12
C GLU B 38 -18.14 1.58 -17.42
N LYS B 39 -18.95 0.82 -16.71
CA LYS B 39 -20.11 1.32 -15.94
C LYS B 39 -19.89 1.00 -14.45
N MET B 40 -20.80 1.49 -13.61
CA MET B 40 -20.72 1.11 -12.20
C MET B 40 -20.88 -0.40 -12.07
N PRO B 41 -20.05 -1.08 -11.28
CA PRO B 41 -20.22 -2.53 -11.09
C PRO B 41 -21.40 -2.82 -10.18
N THR B 42 -21.90 -4.06 -10.29
CA THR B 42 -23.06 -4.48 -9.50
C THR B 42 -22.85 -4.24 -8.00
N SER B 43 -21.66 -4.55 -7.49
CA SER B 43 -21.39 -4.34 -6.07
C SER B 43 -21.65 -2.90 -5.66
N LEU B 44 -21.27 -1.93 -6.51
CA LEU B 44 -21.48 -0.53 -6.18
C LEU B 44 -22.95 -0.14 -6.31
N ILE B 45 -23.62 -0.61 -7.37
CA ILE B 45 -25.06 -0.38 -7.51
C ILE B 45 -25.80 -0.91 -6.27
N HIS B 46 -25.46 -2.11 -5.82
CA HIS B 46 -26.08 -2.65 -4.61
C HIS B 46 -25.76 -1.80 -3.38
N ALA B 47 -24.51 -1.36 -3.25
CA ALA B 47 -24.16 -0.53 -2.10
C ALA B 47 -24.93 0.79 -2.11
N LEU B 48 -25.14 1.37 -3.30
N LEU B 48 -25.16 1.34 -3.30
CA LEU B 48 -25.95 2.58 -3.40
CA LEU B 48 -25.94 2.57 -3.42
C LEU B 48 -27.38 2.30 -2.96
C LEU B 48 -27.40 2.33 -3.03
N ALA B 49 -27.95 1.17 -3.39
CA ALA B 49 -29.31 0.84 -2.99
C ALA B 49 -29.42 0.64 -1.48
N LEU B 50 -28.42 -0.02 -0.87
CA LEU B 50 -28.41 -0.19 0.59
C LEU B 50 -28.34 1.16 1.29
N THR B 51 -27.53 2.07 0.77
CA THR B 51 -27.42 3.41 1.37
C THR B 51 -28.77 4.13 1.33
N LYS B 52 -29.48 4.06 0.20
CA LYS B 52 -30.79 4.69 0.12
C LYS B 52 -31.81 3.98 1.02
N ARG B 53 -31.71 2.65 1.12
CA ARG B 53 -32.60 1.91 2.01
C ARG B 53 -32.43 2.35 3.45
N ALA B 54 -31.18 2.51 3.89
CA ALA B 54 -30.91 2.92 5.27
C ALA B 54 -31.33 4.36 5.51
N ALA B 55 -31.07 5.24 4.55
CA ALA B 55 -31.43 6.65 4.71
C ALA B 55 -32.94 6.81 4.84
N ALA B 56 -33.70 6.04 4.05
CA ALA B 56 -35.17 6.12 4.14
C ALA B 56 -35.67 5.64 5.49
N LYS B 57 -35.10 4.55 6.01
CA LYS B 57 -35.49 4.05 7.32
C LYS B 57 -35.24 5.11 8.39
N VAL B 58 -34.04 5.70 8.40
CA VAL B 58 -33.72 6.70 9.41
C VAL B 58 -34.60 7.94 9.27
N ASN B 59 -34.81 8.40 8.02
CA ASN B 59 -35.67 9.56 7.82
C ASN B 59 -37.08 9.29 8.35
N GLU B 60 -37.57 8.06 8.22
CA GLU B 60 -38.87 7.70 8.79
C GLU B 60 -38.82 7.71 10.31
N ASP B 61 -37.76 7.15 10.90
CA ASP B 61 -37.61 7.14 12.36
C ASP B 61 -37.63 8.54 12.93
N LEU B 62 -37.05 9.50 12.21
CA LEU B 62 -36.95 10.88 12.68
C LEU B 62 -38.18 11.72 12.34
N GLY B 63 -39.21 11.11 11.74
CA GLY B 63 -40.41 11.84 11.38
C GLY B 63 -40.27 12.74 10.17
N LEU B 64 -39.23 12.56 9.37
CA LEU B 64 -39.00 13.42 8.20
C LEU B 64 -39.60 12.85 6.93
N LEU B 65 -39.91 11.55 6.89
CA LEU B 65 -40.42 10.90 5.70
C LEU B 65 -41.57 9.98 6.13
N SER B 66 -42.65 9.99 5.34
CA SER B 66 -43.82 9.20 5.69
C SER B 66 -43.53 7.70 5.63
N GLU B 67 -44.27 6.95 6.43
CA GLU B 67 -44.06 5.49 6.47
C GLU B 67 -44.33 4.86 5.10
N GLU B 68 -45.40 5.29 4.41
CA GLU B 68 -45.71 4.65 3.14
C GLU B 68 -44.62 4.90 2.10
N LYS B 69 -44.04 6.11 2.10
CA LYS B 69 -42.96 6.41 1.16
C LYS B 69 -41.67 5.69 1.54
N ALA B 70 -41.33 5.69 2.83
CA ALA B 70 -40.12 5.01 3.26
C ALA B 70 -40.18 3.51 2.98
N SER B 71 -41.33 2.90 3.21
N SER B 71 -41.33 2.89 3.20
CA SER B 71 -41.49 1.46 2.96
CA SER B 71 -41.47 1.46 2.94
C SER B 71 -41.39 1.15 1.46
C SER B 71 -41.39 1.15 1.45
N ALA B 72 -41.99 1.99 0.62
CA ALA B 72 -41.95 1.76 -0.82
C ALA B 72 -40.53 1.94 -1.36
N ILE B 73 -39.80 2.93 -0.83
CA ILE B 73 -38.40 3.11 -1.24
C ILE B 73 -37.57 1.90 -0.86
N ARG B 74 -37.78 1.37 0.35
CA ARG B 74 -37.05 0.18 0.78
C ARG B 74 -37.38 -1.02 -0.09
N GLN B 75 -38.66 -1.19 -0.45
CA GLN B 75 -39.05 -2.29 -1.33
C GLN B 75 -38.38 -2.18 -2.70
N ALA B 76 -38.35 -0.97 -3.25
CA ALA B 76 -37.68 -0.77 -4.53
C ALA B 76 -36.18 -1.05 -4.42
N ALA B 77 -35.56 -0.60 -3.33
CA ALA B 77 -34.15 -0.91 -3.12
C ALA B 77 -33.93 -2.42 -3.03
N ASP B 78 -34.84 -3.14 -2.36
CA ASP B 78 -34.71 -4.59 -2.26
C ASP B 78 -34.82 -5.26 -3.63
N GLU B 79 -35.64 -4.72 -4.53
CA GLU B 79 -35.70 -5.26 -5.89
C GLU B 79 -34.37 -5.09 -6.62
N VAL B 80 -33.69 -3.95 -6.42
CA VAL B 80 -32.37 -3.75 -7.01
C VAL B 80 -31.39 -4.81 -6.48
N LEU B 81 -31.39 -5.01 -5.17
CA LEU B 81 -30.49 -5.98 -4.55
C LEU B 81 -30.78 -7.40 -5.01
N ALA B 82 -32.04 -7.68 -5.38
CA ALA B 82 -32.45 -8.99 -5.86
C ALA B 82 -32.28 -9.18 -7.36
N GLY B 83 -31.60 -8.24 -8.04
CA GLY B 83 -31.27 -8.41 -9.43
C GLY B 83 -32.37 -8.12 -10.42
N GLN B 84 -33.38 -7.33 -10.04
CA GLN B 84 -34.50 -7.09 -10.94
C GLN B 84 -34.34 -5.85 -11.81
N HIS B 85 -33.26 -5.07 -11.62
CA HIS B 85 -33.16 -3.77 -12.27
C HIS B 85 -31.75 -3.49 -12.80
N ASP B 86 -31.04 -4.53 -13.23
CA ASP B 86 -29.65 -4.36 -13.64
C ASP B 86 -29.52 -3.43 -14.84
N ASP B 87 -30.52 -3.40 -15.72
CA ASP B 87 -30.46 -2.60 -16.93
C ASP B 87 -30.93 -1.17 -16.71
N GLU B 88 -31.17 -0.77 -15.47
CA GLU B 88 -31.61 0.59 -15.16
C GLU B 88 -30.47 1.51 -14.74
N PHE B 89 -29.22 1.06 -14.85
CA PHE B 89 -28.06 1.82 -14.38
C PHE B 89 -27.01 1.95 -15.49
N PRO B 90 -27.30 2.75 -16.51
CA PRO B 90 -26.50 2.73 -17.75
C PRO B 90 -25.30 3.65 -17.77
N LEU B 91 -24.99 4.34 -16.67
CA LEU B 91 -24.04 5.45 -16.73
C LEU B 91 -22.58 4.99 -16.62
N ALA B 92 -21.71 5.76 -17.29
CA ALA B 92 -20.28 5.49 -17.32
C ALA B 92 -19.62 5.81 -15.98
N ILE B 93 -18.50 5.10 -15.70
CA ILE B 93 -17.59 5.51 -14.64
C ILE B 93 -17.13 6.95 -14.85
N TRP B 94 -16.92 7.32 -16.11
CA TRP B 94 -16.26 8.57 -16.48
C TRP B 94 -17.30 9.69 -16.52
N GLN B 95 -17.70 10.10 -15.32
CA GLN B 95 -18.79 11.05 -15.11
C GLN B 95 -18.32 12.12 -14.12
N THR B 96 -19.26 12.93 -13.62
CA THR B 96 -18.94 13.88 -12.56
C THR B 96 -18.16 13.20 -11.43
N GLY B 97 -17.09 13.85 -10.97
CA GLY B 97 -16.13 13.19 -10.10
C GLY B 97 -16.60 12.96 -8.67
N SER B 98 -17.72 13.57 -8.27
CA SER B 98 -18.33 13.25 -6.98
C SER B 98 -19.24 12.04 -7.06
N GLY B 99 -19.51 11.53 -8.26
CA GLY B 99 -20.51 10.47 -8.40
C GLY B 99 -21.94 10.96 -8.41
N THR B 100 -22.15 12.26 -8.62
CA THR B 100 -23.51 12.82 -8.64
C THR B 100 -24.43 12.10 -9.61
N GLN B 101 -23.93 11.81 -10.82
CA GLN B 101 -24.83 11.25 -11.83
C GLN B 101 -25.34 9.87 -11.41
N SER B 102 -24.49 9.04 -10.80
CA SER B 102 -24.96 7.74 -10.33
C SER B 102 -25.84 7.86 -9.09
N ASN B 103 -25.59 8.84 -8.22
CA ASN B 103 -26.50 9.12 -7.11
C ASN B 103 -27.90 9.43 -7.64
N MET B 104 -27.98 10.34 -8.62
CA MET B 104 -29.29 10.69 -9.19
C MET B 104 -29.90 9.54 -9.97
N ASN B 105 -29.08 8.69 -10.58
CA ASN B 105 -29.60 7.48 -11.23
C ASN B 105 -30.36 6.62 -10.24
N MET B 106 -29.77 6.41 -9.06
CA MET B 106 -30.46 5.64 -8.02
C MET B 106 -31.68 6.38 -7.50
N ASN B 107 -31.57 7.71 -7.31
CA ASN B 107 -32.72 8.46 -6.81
C ASN B 107 -33.91 8.35 -7.77
N GLU B 108 -33.65 8.42 -9.07
CA GLU B 108 -34.73 8.41 -10.05
C GLU B 108 -35.34 7.02 -10.20
N VAL B 109 -34.51 5.99 -10.27
CA VAL B 109 -35.02 4.63 -10.42
C VAL B 109 -35.86 4.24 -9.20
N LEU B 110 -35.36 4.53 -8.00
CA LEU B 110 -36.09 4.18 -6.79
C LEU B 110 -37.38 4.99 -6.66
N ALA B 111 -37.35 6.27 -7.03
CA ALA B 111 -38.57 7.08 -6.94
C ALA B 111 -39.64 6.61 -7.91
N ASN B 112 -39.26 6.40 -9.18
CA ASN B 112 -40.23 5.94 -10.17
C ASN B 112 -40.79 4.57 -9.80
N ARG B 113 -39.95 3.67 -9.30
CA ARG B 113 -40.43 2.33 -8.95
C ARG B 113 -41.26 2.36 -7.67
N ALA B 114 -40.82 3.11 -6.67
CA ALA B 114 -41.61 3.26 -5.45
C ALA B 114 -42.99 3.83 -5.75
N SER B 115 -43.06 4.76 -6.69
CA SER B 115 -44.36 5.33 -7.07
C SER B 115 -45.29 4.22 -7.57
N GLU B 116 -44.78 3.32 -8.41
CA GLU B 116 -45.57 2.20 -8.89
C GLU B 116 -46.01 1.29 -7.76
N LEU B 117 -45.13 1.08 -6.77
CA LEU B 117 -45.46 0.22 -5.65
C LEU B 117 -46.55 0.82 -4.76
N LEU B 118 -46.73 2.14 -4.80
CA LEU B 118 -47.82 2.81 -4.11
C LEU B 118 -49.06 2.97 -4.97
N GLY B 119 -49.14 2.28 -6.10
CA GLY B 119 -50.29 2.38 -6.98
C GLY B 119 -50.23 3.51 -7.99
N GLY B 120 -49.10 4.22 -8.08
CA GLY B 120 -48.93 5.28 -9.04
C GLY B 120 -48.20 4.82 -10.28
N VAL B 121 -47.64 5.79 -11.00
CA VAL B 121 -46.94 5.55 -12.25
C VAL B 121 -45.53 6.14 -12.18
N ARG B 122 -44.70 5.72 -13.14
CA ARG B 122 -43.41 6.33 -13.34
C ARG B 122 -43.58 7.61 -14.15
N GLY B 123 -42.65 8.54 -13.98
CA GLY B 123 -42.67 9.80 -14.70
C GLY B 123 -43.10 10.96 -13.83
N MET B 124 -43.46 12.06 -14.48
CA MET B 124 -43.68 13.31 -13.75
C MET B 124 -44.92 13.29 -12.87
N GLU B 125 -45.84 12.36 -13.06
CA GLU B 125 -46.97 12.19 -12.16
C GLU B 125 -46.66 11.30 -10.96
N ARG B 126 -45.39 10.99 -10.73
CA ARG B 126 -45.02 10.02 -9.70
C ARG B 126 -45.43 10.49 -8.31
N LYS B 127 -45.67 9.52 -7.42
CA LYS B 127 -46.03 9.74 -6.04
C LYS B 127 -44.83 9.88 -5.11
N VAL B 128 -43.63 9.50 -5.57
CA VAL B 128 -42.40 9.57 -4.80
C VAL B 128 -41.39 10.33 -5.61
N HIS B 129 -40.57 11.15 -4.95
CA HIS B 129 -39.78 12.16 -5.65
C HIS B 129 -38.29 11.93 -5.48
N PRO B 130 -37.51 11.94 -6.56
CA PRO B 130 -36.08 11.58 -6.46
C PRO B 130 -35.29 12.41 -5.46
N ASN B 131 -35.42 13.74 -5.52
N ASN B 131 -35.44 13.74 -5.51
CA ASN B 131 -34.64 14.56 -4.60
CA ASN B 131 -34.66 14.63 -4.66
C ASN B 131 -35.33 14.77 -3.26
C ASN B 131 -35.31 14.84 -3.29
N ASP B 132 -36.59 15.23 -3.27
CA ASP B 132 -37.23 15.55 -2.01
C ASP B 132 -37.45 14.34 -1.12
N ASP B 133 -37.66 13.15 -1.71
CA ASP B 133 -37.89 11.94 -0.92
C ASP B 133 -36.67 11.02 -0.87
N VAL B 134 -36.21 10.52 -2.03
CA VAL B 134 -35.17 9.49 -2.01
C VAL B 134 -33.82 10.07 -1.59
N ASN B 135 -33.55 11.34 -1.89
CA ASN B 135 -32.30 12.00 -1.54
C ASN B 135 -32.42 12.82 -0.24
N LYS B 136 -33.51 12.66 0.50
CA LYS B 136 -33.73 13.50 1.69
C LYS B 136 -32.61 13.31 2.71
N SER B 137 -32.11 14.43 3.24
CA SER B 137 -31.06 14.50 4.26
C SER B 137 -29.68 14.24 3.67
N GLN B 138 -29.56 14.09 2.35
CA GLN B 138 -28.34 13.61 1.72
C GLN B 138 -27.79 14.60 0.70
N SER B 139 -26.50 14.47 0.42
CA SER B 139 -25.83 15.08 -0.72
C SER B 139 -25.18 13.97 -1.54
N SER B 140 -25.01 14.22 -2.85
CA SER B 140 -24.13 13.34 -3.62
C SER B 140 -22.76 13.27 -2.96
N ASN B 141 -22.35 14.36 -2.32
CA ASN B 141 -20.99 14.46 -1.80
C ASN B 141 -20.73 13.46 -0.70
N ASP B 142 -21.74 13.17 0.15
CA ASP B 142 -21.57 12.19 1.21
C ASP B 142 -22.15 10.82 0.87
N VAL B 143 -23.10 10.75 -0.07
CA VAL B 143 -23.68 9.46 -0.45
C VAL B 143 -22.67 8.61 -1.21
N PHE B 144 -22.01 9.19 -2.22
CA PHE B 144 -21.12 8.38 -3.04
C PHE B 144 -19.96 7.76 -2.25
N PRO B 145 -19.22 8.51 -1.41
CA PRO B 145 -18.19 7.84 -0.59
C PRO B 145 -18.75 6.82 0.38
N THR B 146 -20.00 6.99 0.85
CA THR B 146 -20.61 5.98 1.68
C THR B 146 -20.80 4.68 0.90
N ALA B 147 -21.34 4.79 -0.31
CA ALA B 147 -21.52 3.61 -1.15
C ALA B 147 -20.18 2.98 -1.51
N MET B 148 -19.15 3.80 -1.75
CA MET B 148 -17.82 3.26 -2.02
C MET B 148 -17.35 2.37 -0.89
N HIS B 149 -17.46 2.85 0.35
CA HIS B 149 -16.95 2.07 1.48
C HIS B 149 -17.84 0.87 1.79
N VAL B 150 -19.15 1.00 1.61
CA VAL B 150 -20.02 -0.17 1.80
C VAL B 150 -19.66 -1.27 0.82
N ALA B 151 -19.52 -0.92 -0.47
CA ALA B 151 -19.16 -1.92 -1.46
C ALA B 151 -17.78 -2.51 -1.19
N ALA B 152 -16.81 -1.66 -0.85
CA ALA B 152 -15.45 -2.16 -0.61
C ALA B 152 -15.39 -3.09 0.58
N LEU B 153 -15.97 -2.69 1.71
CA LEU B 153 -15.87 -3.53 2.91
C LEU B 153 -16.58 -4.86 2.72
N LEU B 154 -17.79 -4.83 2.14
CA LEU B 154 -18.52 -6.08 1.92
C LEU B 154 -17.78 -6.99 0.94
N ALA B 155 -17.18 -6.42 -0.11
CA ALA B 155 -16.45 -7.26 -1.07
C ALA B 155 -15.22 -7.89 -0.43
N LEU B 156 -14.48 -7.14 0.39
CA LEU B 156 -13.34 -7.73 1.09
C LEU B 156 -13.77 -8.82 2.05
N ARG B 157 -14.88 -8.60 2.76
CA ARG B 157 -15.32 -9.57 3.77
C ARG B 157 -15.94 -10.81 3.14
N LYS B 158 -16.72 -10.63 2.08
CA LYS B 158 -17.53 -11.72 1.55
C LYS B 158 -16.88 -12.47 0.39
N GLN B 159 -16.01 -11.82 -0.37
CA GLN B 159 -15.36 -12.45 -1.52
C GLN B 159 -13.87 -12.66 -1.30
N LEU B 160 -13.11 -11.58 -1.09
N LEU B 160 -13.10 -11.59 -1.07
CA LEU B 160 -11.64 -11.67 -1.04
CA LEU B 160 -11.64 -11.74 -1.08
C LEU B 160 -11.17 -12.56 0.09
C LEU B 160 -11.16 -12.57 0.10
N ILE B 161 -11.51 -12.21 1.34
CA ILE B 161 -10.99 -12.91 2.50
C ILE B 161 -11.36 -14.40 2.50
N PRO B 162 -12.61 -14.79 2.22
CA PRO B 162 -12.90 -16.24 2.12
C PRO B 162 -12.04 -16.97 1.10
N GLN B 163 -11.83 -16.39 -0.08
CA GLN B 163 -11.03 -17.10 -1.09
C GLN B 163 -9.56 -17.18 -0.67
N LEU B 164 -9.05 -16.14 -0.02
CA LEU B 164 -7.67 -16.17 0.49
C LEU B 164 -7.51 -17.30 1.51
N LYS B 165 -8.47 -17.42 2.44
CA LYS B 165 -8.40 -18.49 3.43
C LYS B 165 -8.47 -19.87 2.77
N THR B 166 -9.33 -20.02 1.75
CA THR B 166 -9.48 -21.30 1.07
C THR B 166 -8.20 -21.71 0.37
N LEU B 167 -7.57 -20.79 -0.36
CA LEU B 167 -6.31 -21.12 -1.04
C LEU B 167 -5.22 -21.43 -0.03
N THR B 168 -5.17 -20.68 1.07
CA THR B 168 -4.17 -20.94 2.11
C THR B 168 -4.32 -22.34 2.67
N GLN B 169 -5.56 -22.77 2.92
CA GLN B 169 -5.80 -24.10 3.45
C GLN B 169 -5.33 -25.19 2.50
N THR B 170 -5.61 -25.04 1.20
CA THR B 170 -5.13 -26.00 0.22
C THR B 170 -3.61 -26.11 0.25
N LEU B 171 -2.92 -24.97 0.23
CA LEU B 171 -1.46 -25.00 0.20
C LEU B 171 -0.89 -25.54 1.50
N ASN B 172 -1.56 -25.28 2.63
CA ASN B 172 -1.11 -25.84 3.90
C ASN B 172 -1.21 -27.37 3.89
N GLU B 173 -2.29 -27.91 3.32
CA GLU B 173 -2.40 -29.36 3.18
C GLU B 173 -1.30 -29.92 2.29
N LYS B 174 -1.03 -29.28 1.15
CA LYS B 174 0.05 -29.74 0.28
C LYS B 174 1.41 -29.69 0.99
N SER B 175 1.66 -28.63 1.76
CA SER B 175 2.93 -28.53 2.48
C SER B 175 3.11 -29.70 3.44
N ARG B 176 2.04 -30.06 4.16
CA ARG B 176 2.16 -31.19 5.09
C ARG B 176 2.35 -32.50 4.33
N ALA B 177 1.62 -32.70 3.23
CA ALA B 177 1.71 -33.94 2.47
C ALA B 177 3.10 -34.16 1.89
N PHE B 178 3.82 -33.07 1.59
CA PHE B 178 5.11 -33.15 0.92
C PHE B 178 6.27 -32.81 1.86
N ALA B 179 6.03 -32.90 3.17
CA ALA B 179 7.00 -32.46 4.17
C ALA B 179 8.27 -33.30 4.18
N ASP B 180 8.25 -34.50 3.60
CA ASP B 180 9.41 -35.38 3.65
C ASP B 180 10.11 -35.52 2.31
N ILE B 181 9.71 -34.75 1.30
CA ILE B 181 10.26 -34.87 -0.05
C ILE B 181 11.39 -33.87 -0.20
N VAL B 182 12.65 -34.33 -0.12
CA VAL B 182 13.80 -33.45 -0.26
C VAL B 182 14.04 -33.13 -1.73
N LYS B 183 14.30 -31.85 -2.03
CA LYS B 183 14.57 -31.40 -3.39
C LYS B 183 15.72 -30.39 -3.36
N ILE B 184 16.27 -30.11 -4.55
CA ILE B 184 17.35 -29.16 -4.68
C ILE B 184 16.84 -27.74 -4.43
N GLY B 185 17.63 -26.95 -3.69
CA GLY B 185 17.33 -25.54 -3.57
C GLY B 185 17.73 -24.77 -4.83
N ARG B 186 17.12 -23.59 -5.00
CA ARG B 186 17.51 -22.72 -6.10
C ARG B 186 17.59 -21.28 -5.62
N ALA B 187 18.78 -20.69 -5.73
CA ALA B 187 19.02 -19.31 -5.34
C ALA B 187 19.81 -18.65 -6.46
N HIS B 188 19.38 -17.46 -6.87
CA HIS B 188 19.93 -16.80 -8.07
C HIS B 188 19.66 -17.59 -9.34
N LEU B 189 18.70 -18.52 -9.30
CA LEU B 189 18.40 -19.53 -10.32
C LEU B 189 19.43 -20.65 -10.39
N GLN B 190 20.44 -20.65 -9.51
CA GLN B 190 21.49 -21.65 -9.49
C GLN B 190 21.18 -22.75 -8.48
N ASP B 191 21.67 -23.96 -8.75
CA ASP B 191 21.53 -25.07 -7.81
C ASP B 191 22.03 -24.63 -6.43
N ALA B 192 21.33 -25.05 -5.37
CA ALA B 192 21.65 -24.62 -4.02
C ALA B 192 21.34 -25.73 -3.02
N THR B 193 21.66 -25.45 -1.75
CA THR B 193 21.45 -26.34 -0.63
C THR B 193 20.01 -26.87 -0.63
N PRO B 194 19.77 -28.11 -0.21
CA PRO B 194 18.41 -28.69 -0.31
C PRO B 194 17.44 -28.16 0.74
N LEU B 195 16.17 -28.38 0.44
CA LEU B 195 15.05 -28.15 1.35
C LEU B 195 13.94 -29.10 0.92
N THR B 196 12.92 -29.26 1.76
CA THR B 196 11.83 -30.12 1.34
C THR B 196 10.81 -29.35 0.51
N LEU B 197 10.10 -30.09 -0.35
CA LEU B 197 9.00 -29.48 -1.08
C LEU B 197 7.98 -28.89 -0.11
N GLY B 198 7.73 -29.57 1.01
CA GLY B 198 6.86 -29.01 2.02
C GLY B 198 7.35 -27.70 2.60
N GLN B 199 8.66 -27.58 2.82
CA GLN B 199 9.21 -26.32 3.33
C GLN B 199 9.02 -25.19 2.31
N GLU B 200 9.32 -25.48 1.04
CA GLU B 200 9.13 -24.48 -0.01
C GLU B 200 7.67 -24.01 -0.06
N ILE B 201 6.73 -24.96 -0.01
CA ILE B 201 5.32 -24.59 -0.03
C ILE B 201 4.94 -23.85 1.26
N SER B 202 5.57 -24.20 2.39
CA SER B 202 5.27 -23.49 3.63
C SER B 202 5.58 -22.00 3.52
N GLY B 203 6.56 -21.64 2.67
CA GLY B 203 6.81 -20.22 2.42
C GLY B 203 5.63 -19.55 1.75
N TRP B 204 5.04 -20.21 0.74
CA TRP B 204 3.81 -19.68 0.12
C TRP B 204 2.69 -19.51 1.15
N VAL B 205 2.51 -20.52 2.02
CA VAL B 205 1.47 -20.46 3.04
C VAL B 205 1.69 -19.26 3.98
N ALA B 206 2.93 -19.10 4.45
CA ALA B 206 3.21 -18.01 5.37
C ALA B 206 3.00 -16.65 4.70
N MET B 207 3.31 -16.56 3.41
CA MET B 207 3.00 -15.34 2.66
C MET B 207 1.52 -15.03 2.69
N LEU B 208 0.68 -16.03 2.39
CA LEU B 208 -0.76 -15.76 2.37
C LEU B 208 -1.31 -15.46 3.76
N GLU B 209 -0.74 -16.08 4.80
CA GLU B 209 -1.15 -15.76 6.17
C GLU B 209 -0.79 -14.32 6.53
N HIS B 210 0.42 -13.87 6.18
CA HIS B 210 0.79 -12.48 6.43
C HIS B 210 -0.12 -11.52 5.66
N ASN B 211 -0.44 -11.85 4.41
CA ASN B 211 -1.29 -10.97 3.63
C ASN B 211 -2.67 -10.82 4.25
N LEU B 212 -3.23 -11.91 4.78
CA LEU B 212 -4.52 -11.83 5.43
C LEU B 212 -4.49 -10.83 6.59
N LYS B 213 -3.43 -10.88 7.40
CA LYS B 213 -3.33 -9.92 8.49
C LYS B 213 -3.27 -8.48 7.99
N HIS B 214 -2.47 -8.22 6.94
CA HIS B 214 -2.37 -6.86 6.42
C HIS B 214 -3.72 -6.38 5.89
N ILE B 215 -4.46 -7.25 5.20
CA ILE B 215 -5.79 -6.87 4.71
C ILE B 215 -6.73 -6.60 5.87
N GLU B 216 -6.70 -7.45 6.90
CA GLU B 216 -7.55 -7.23 8.07
C GLU B 216 -7.26 -5.88 8.73
N TYR B 217 -5.98 -5.47 8.78
CA TYR B 217 -5.64 -4.20 9.39
C TYR B 217 -6.25 -3.01 8.66
N SER B 218 -6.59 -3.16 7.38
CA SER B 218 -7.15 -2.05 6.60
C SER B 218 -8.65 -1.90 6.76
N LEU B 219 -9.32 -2.87 7.37
CA LEU B 219 -10.79 -2.87 7.42
C LEU B 219 -11.39 -1.80 8.33
N PRO B 220 -10.83 -1.50 9.51
CA PRO B 220 -11.48 -0.48 10.36
C PRO B 220 -11.64 0.88 9.71
N HIS B 221 -10.64 1.33 8.93
CA HIS B 221 -10.77 2.64 8.28
C HIS B 221 -11.82 2.61 7.17
N VAL B 222 -11.90 1.53 6.41
CA VAL B 222 -12.92 1.42 5.35
C VAL B 222 -14.32 1.38 5.95
N ALA B 223 -14.45 0.87 7.18
CA ALA B 223 -15.77 0.83 7.80
C ALA B 223 -16.31 2.21 8.21
N GLU B 224 -15.48 3.26 8.19
CA GLU B 224 -15.93 4.61 8.54
C GLU B 224 -16.70 5.22 7.38
N LEU B 225 -17.90 5.73 7.64
CA LEU B 225 -18.79 6.23 6.60
C LEU B 225 -18.96 7.75 6.63
N ALA B 226 -19.01 8.36 5.44
CA ALA B 226 -19.15 9.80 5.32
C ALA B 226 -20.58 10.29 5.52
N LEU B 227 -21.59 9.43 5.42
CA LEU B 227 -22.99 9.87 5.40
C LEU B 227 -23.31 10.66 6.66
N GLY B 228 -23.88 11.86 6.45
CA GLY B 228 -24.14 12.80 7.52
C GLY B 228 -23.26 14.04 7.43
N GLY B 229 -22.15 13.98 6.69
CA GLY B 229 -21.37 15.17 6.45
C GLY B 229 -21.99 16.14 5.48
N THR B 230 -22.92 15.67 4.66
CA THR B 230 -23.66 16.47 3.66
C THR B 230 -22.68 17.14 2.69
N ALA B 231 -22.84 18.43 2.39
CA ALA B 231 -22.16 19.00 1.23
C ALA B 231 -20.66 19.19 1.45
N VAL B 232 -20.26 19.70 2.63
CA VAL B 232 -18.86 20.05 2.87
C VAL B 232 -18.30 19.44 4.14
N GLY B 233 -19.09 18.68 4.89
CA GLY B 233 -18.63 18.04 6.11
C GLY B 233 -19.27 18.54 7.39
N THR B 234 -19.98 19.67 7.35
CA THR B 234 -20.54 20.26 8.58
C THR B 234 -21.86 19.63 8.97
N GLY B 235 -22.51 18.91 8.07
CA GLY B 235 -23.84 18.37 8.35
C GLY B 235 -24.94 19.39 8.45
N LEU B 236 -24.75 20.57 7.86
CA LEU B 236 -25.73 21.65 7.94
C LEU B 236 -27.11 21.17 7.51
N ASN B 237 -28.12 21.49 8.33
CA ASN B 237 -29.52 21.19 8.07
C ASN B 237 -29.82 19.69 8.11
N THR B 238 -29.07 18.93 8.91
CA THR B 238 -29.42 17.55 9.20
C THR B 238 -29.66 17.38 10.69
N HIS B 239 -30.40 16.34 11.02
CA HIS B 239 -30.67 16.04 12.41
C HIS B 239 -29.39 15.63 13.12
N PRO B 240 -29.19 16.07 14.37
CA PRO B 240 -27.93 15.73 15.07
C PRO B 240 -27.66 14.24 15.22
N GLU B 241 -28.69 13.39 15.21
CA GLU B 241 -28.54 11.96 15.37
C GLU B 241 -28.46 11.21 14.05
N TYR B 242 -28.63 11.91 12.93
CA TYR B 242 -28.78 11.25 11.64
C TYR B 242 -27.53 10.45 11.26
N ALA B 243 -26.34 11.03 11.43
CA ALA B 243 -25.12 10.36 10.99
C ALA B 243 -24.90 9.04 11.73
N ARG B 244 -25.03 9.04 13.06
CA ARG B 244 -24.91 7.79 13.81
C ARG B 244 -26.02 6.82 13.46
N ARG B 245 -27.25 7.32 13.31
CA ARG B 245 -28.38 6.43 13.06
C ARG B 245 -28.24 5.71 11.72
N VAL B 246 -27.77 6.41 10.68
CA VAL B 246 -27.68 5.79 9.37
CA VAL B 246 -27.69 5.77 9.38
C VAL B 246 -26.54 4.77 9.33
N ALA B 247 -25.43 5.07 10.01
CA ALA B 247 -24.36 4.08 10.10
C ALA B 247 -24.83 2.84 10.87
N ASP B 248 -25.57 3.05 11.95
CA ASP B 248 -26.11 1.91 12.71
C ASP B 248 -27.05 1.09 11.85
N GLU B 249 -27.91 1.74 11.07
CA GLU B 249 -28.85 1.01 10.23
C GLU B 249 -28.13 0.24 9.13
N LEU B 250 -27.10 0.85 8.52
CA LEU B 250 -26.30 0.10 7.55
C LEU B 250 -25.63 -1.10 8.20
N ALA B 251 -25.11 -0.95 9.42
CA ALA B 251 -24.52 -2.10 10.11
C ALA B 251 -25.55 -3.20 10.34
N VAL B 252 -26.79 -2.83 10.67
CA VAL B 252 -27.83 -3.82 10.91
C VAL B 252 -28.15 -4.57 9.62
N ILE B 253 -28.43 -3.85 8.53
CA ILE B 253 -28.91 -4.51 7.32
C ILE B 253 -27.81 -5.28 6.61
N THR B 254 -26.55 -4.86 6.75
CA THR B 254 -25.45 -5.56 6.08
C THR B 254 -24.74 -6.57 6.98
N CYS B 255 -24.98 -6.51 8.29
CA CYS B 255 -24.34 -7.40 9.26
C CYS B 255 -22.83 -7.20 9.32
N ALA B 256 -22.36 -5.98 8.99
CA ALA B 256 -20.96 -5.61 9.00
C ALA B 256 -20.75 -4.38 9.87
N PRO B 257 -19.54 -4.20 10.45
CA PRO B 257 -19.35 -3.20 11.53
C PRO B 257 -19.11 -1.78 11.04
N PHE B 258 -20.07 -1.23 10.28
CA PHE B 258 -19.97 0.15 9.84
C PHE B 258 -20.16 1.12 11.00
N VAL B 259 -19.39 2.22 10.98
CA VAL B 259 -19.49 3.29 11.96
C VAL B 259 -19.44 4.62 11.21
N THR B 260 -19.98 5.66 11.82
CA THR B 260 -19.89 6.98 11.21
C THR B 260 -18.45 7.51 11.33
N ALA B 261 -17.97 8.17 10.29
CA ALA B 261 -16.58 8.64 10.31
C ALA B 261 -16.41 9.71 11.38
N PRO B 262 -15.43 9.57 12.27
CA PRO B 262 -15.27 10.58 13.33
C PRO B 262 -14.91 11.98 12.83
N ASN B 263 -14.27 12.09 11.66
CA ASN B 263 -13.99 13.39 11.06
C ASN B 263 -14.57 13.40 9.64
N LYS B 264 -15.67 14.14 9.46
CA LYS B 264 -16.34 14.15 8.15
C LYS B 264 -15.56 14.92 7.10
N PHE B 265 -14.66 15.81 7.51
CA PHE B 265 -13.85 16.54 6.54
C PHE B 265 -12.82 15.63 5.89
N GLU B 266 -12.13 14.80 6.70
CA GLU B 266 -11.30 13.76 6.12
C GLU B 266 -12.11 12.81 5.25
N ALA B 267 -13.36 12.52 5.64
CA ALA B 267 -14.17 11.54 4.92
C ALA B 267 -14.60 12.06 3.55
N LEU B 268 -14.86 13.36 3.43
N LEU B 268 -14.86 13.36 3.44
CA LEU B 268 -15.30 13.94 2.17
CA LEU B 268 -15.29 13.95 2.17
C LEU B 268 -14.15 14.41 1.29
C LEU B 268 -14.13 14.36 1.29
N ALA B 269 -13.04 14.84 1.89
CA ALA B 269 -11.95 15.44 1.13
C ALA B 269 -10.93 14.43 0.61
N THR B 270 -11.03 13.16 0.99
CA THR B 270 -10.01 12.17 0.64
C THR B 270 -10.66 10.83 0.29
N CYS B 271 -9.83 9.99 -0.31
CA CYS B 271 -10.08 8.56 -0.50
C CYS B 271 -9.03 7.76 0.25
N ASP B 272 -8.60 8.27 1.40
CA ASP B 272 -7.40 7.74 2.07
C ASP B 272 -7.57 6.28 2.51
N ALA B 273 -8.75 5.92 3.03
CA ALA B 273 -8.97 4.54 3.47
C ALA B 273 -8.78 3.55 2.32
N LEU B 274 -9.19 3.93 1.11
CA LEU B 274 -9.08 3.04 -0.04
C LEU B 274 -7.66 3.05 -0.61
N VAL B 275 -6.96 4.17 -0.57
CA VAL B 275 -5.53 4.17 -0.92
C VAL B 275 -4.77 3.19 -0.03
N GLN B 276 -5.05 3.23 1.29
CA GLN B 276 -4.37 2.35 2.23
C GLN B 276 -4.77 0.90 2.02
N ALA B 277 -6.09 0.64 1.91
CA ALA B 277 -6.54 -0.75 1.71
C ALA B 277 -5.98 -1.32 0.41
N HIS B 278 -5.92 -0.51 -0.65
CA HIS B 278 -5.37 -1.04 -1.89
C HIS B 278 -3.88 -1.31 -1.78
N GLY B 279 -3.18 -0.59 -0.90
CA GLY B 279 -1.79 -0.95 -0.61
C GLY B 279 -1.63 -2.40 -0.18
N ALA B 280 -2.57 -2.89 0.65
CA ALA B 280 -2.50 -4.29 1.07
C ALA B 280 -2.82 -5.24 -0.07
N LEU B 281 -3.69 -4.81 -0.99
CA LEU B 281 -4.04 -5.65 -2.15
C LEU B 281 -2.88 -5.75 -3.14
N LYS B 282 -2.13 -4.67 -3.36
CA LYS B 282 -0.96 -4.81 -4.23
C LYS B 282 0.13 -5.63 -3.58
N GLY B 283 0.18 -5.65 -2.24
CA GLY B 283 1.05 -6.60 -1.56
C GLY B 283 0.64 -8.04 -1.85
N LEU B 284 -0.65 -8.33 -1.75
CA LEU B 284 -1.13 -9.67 -2.09
C LEU B 284 -0.81 -10.00 -3.54
N ALA B 285 -0.95 -9.03 -4.45
CA ALA B 285 -0.64 -9.26 -5.86
C ALA B 285 0.82 -9.64 -6.06
N ALA B 286 1.73 -8.99 -5.33
CA ALA B 286 3.15 -9.35 -5.45
C ALA B 286 3.43 -10.74 -4.90
N SER B 287 2.72 -11.14 -3.83
CA SER B 287 2.91 -12.47 -3.28
C SER B 287 2.35 -13.53 -4.21
N LEU B 288 1.15 -13.28 -4.75
CA LEU B 288 0.55 -14.26 -5.68
C LEU B 288 1.36 -14.40 -6.95
N MET B 289 1.96 -13.29 -7.42
CA MET B 289 2.82 -13.39 -8.60
C MET B 289 3.96 -14.36 -8.37
N LYS B 290 4.60 -14.26 -7.20
CA LYS B 290 5.72 -15.12 -6.87
C LYS B 290 5.29 -16.58 -6.74
N ILE B 291 4.18 -16.82 -6.05
CA ILE B 291 3.66 -18.19 -5.90
C ILE B 291 3.33 -18.79 -7.27
N ALA B 292 2.59 -18.04 -8.10
CA ALA B 292 2.22 -18.55 -9.42
C ALA B 292 3.46 -18.81 -10.28
N ASN B 293 4.47 -17.94 -10.20
CA ASN B 293 5.69 -18.18 -10.96
C ASN B 293 6.42 -19.43 -10.47
N ASP B 294 6.54 -19.62 -9.15
CA ASP B 294 7.15 -20.85 -8.67
C ASP B 294 6.41 -22.08 -9.22
N VAL B 295 5.08 -22.05 -9.20
CA VAL B 295 4.32 -23.21 -9.68
C VAL B 295 4.61 -23.48 -11.15
N ARG B 296 4.55 -22.46 -11.99
CA ARG B 296 4.72 -22.73 -13.42
C ARG B 296 6.16 -23.12 -13.76
N TRP B 297 7.15 -22.49 -13.10
CA TRP B 297 8.53 -22.91 -13.35
C TRP B 297 8.79 -24.32 -12.83
N LEU B 298 8.27 -24.67 -11.64
CA LEU B 298 8.50 -26.02 -11.13
C LEU B 298 7.82 -27.07 -12.01
N ALA B 299 6.72 -26.72 -12.66
CA ALA B 299 6.01 -27.62 -13.55
C ALA B 299 6.53 -27.63 -14.99
N SER B 300 7.52 -26.79 -15.31
CA SER B 300 7.91 -26.58 -16.69
C SER B 300 8.52 -27.86 -17.29
N GLY B 301 8.24 -28.08 -18.56
CA GLY B 301 8.77 -29.24 -19.26
C GLY B 301 7.95 -29.64 -20.47
N PRO B 302 7.66 -30.93 -20.64
CA PRO B 302 7.90 -32.03 -19.69
C PRO B 302 9.33 -32.56 -19.64
N ARG B 303 10.22 -32.09 -20.51
CA ARG B 303 11.57 -32.66 -20.60
C ARG B 303 12.71 -31.65 -20.54
N CYS B 304 12.47 -30.37 -20.82
CA CYS B 304 13.58 -29.43 -21.04
C CYS B 304 13.52 -28.25 -20.08
N GLY B 305 12.83 -28.41 -18.96
CA GLY B 305 12.72 -27.39 -17.93
C GLY B 305 13.09 -27.95 -16.58
N ILE B 306 12.23 -27.73 -15.58
N ILE B 306 12.25 -27.68 -15.58
CA ILE B 306 12.51 -28.20 -14.23
CA ILE B 306 12.48 -28.17 -14.23
C ILE B 306 11.72 -29.48 -13.96
C ILE B 306 11.72 -29.48 -14.06
N GLY B 307 10.40 -29.41 -14.08
CA GLY B 307 9.58 -30.62 -14.04
C GLY B 307 9.46 -31.32 -12.70
N GLU B 308 9.67 -30.61 -11.59
CA GLU B 308 9.61 -31.23 -10.27
C GLU B 308 8.19 -31.50 -9.79
N ILE B 309 7.19 -30.75 -10.31
CA ILE B 309 5.79 -31.00 -9.99
C ILE B 309 4.99 -31.13 -11.27
N SER B 310 3.80 -31.71 -11.13
N SER B 310 3.79 -31.68 -11.13
CA SER B 310 2.80 -31.72 -12.17
CA SER B 310 2.80 -31.70 -12.20
C SER B 310 1.59 -30.90 -11.71
C SER B 310 1.54 -30.99 -11.73
N ILE B 311 0.86 -30.35 -12.68
CA ILE B 311 -0.36 -29.59 -12.40
C ILE B 311 -1.47 -30.15 -13.29
N PRO B 312 -2.73 -29.93 -12.92
CA PRO B 312 -3.83 -30.42 -13.76
C PRO B 312 -3.81 -29.84 -15.16
N GLU B 313 -4.20 -30.67 -16.12
CA GLU B 313 -4.34 -30.27 -17.52
C GLU B 313 -5.83 -30.03 -17.77
N ASN B 314 -6.19 -28.77 -18.04
CA ASN B 314 -7.59 -28.37 -18.12
C ASN B 314 -8.07 -28.07 -19.53
N GLU B 315 -7.16 -27.88 -20.48
CA GLU B 315 -7.47 -27.52 -21.86
C GLU B 315 -7.01 -28.63 -22.78
N PRO B 316 -7.71 -28.84 -23.90
CA PRO B 316 -7.30 -29.88 -24.83
C PRO B 316 -5.96 -29.56 -25.46
N GLY B 317 -5.23 -30.63 -25.80
CA GLY B 317 -3.97 -30.48 -26.50
C GLY B 317 -3.99 -31.28 -27.78
N SER B 318 -2.85 -31.35 -28.47
CA SER B 318 -2.73 -32.09 -29.72
C SER B 318 -2.25 -33.48 -29.42
N SER B 319 -2.78 -34.47 -30.15
CA SER B 319 -2.36 -35.85 -29.94
C SER B 319 -0.90 -36.08 -30.30
N ILE B 320 -0.31 -35.21 -31.14
CA ILE B 320 1.12 -35.34 -31.45
C ILE B 320 2.00 -34.62 -30.43
N MET B 321 1.41 -33.94 -29.45
CA MET B 321 2.17 -33.30 -28.36
C MET B 321 1.64 -33.75 -27.00
N PRO B 322 1.69 -35.06 -26.72
CA PRO B 322 1.23 -35.52 -25.41
C PRO B 322 2.20 -35.10 -24.30
N GLY B 323 1.64 -34.87 -23.12
CA GLY B 323 2.44 -34.47 -21.98
C GLY B 323 2.76 -33.00 -21.88
N LYS B 324 2.49 -32.21 -22.92
CA LYS B 324 2.66 -30.77 -22.84
C LYS B 324 1.46 -30.18 -22.11
N VAL B 325 1.72 -29.48 -21.00
CA VAL B 325 0.67 -28.88 -20.17
C VAL B 325 1.02 -27.41 -19.97
N ASN B 326 0.26 -26.51 -20.62
CA ASN B 326 0.51 -25.09 -20.39
C ASN B 326 -0.06 -24.67 -19.04
N PRO B 327 0.65 -23.86 -18.27
CA PRO B 327 0.20 -23.44 -16.93
C PRO B 327 -0.77 -22.26 -17.03
N THR B 328 -1.95 -22.55 -17.57
CA THR B 328 -2.85 -21.46 -17.96
C THR B 328 -3.46 -20.74 -16.77
N GLN B 329 -3.70 -21.43 -15.64
CA GLN B 329 -4.15 -20.73 -14.45
C GLN B 329 -3.06 -19.79 -13.94
N CYS B 330 -1.79 -20.22 -13.98
CA CYS B 330 -0.70 -19.32 -13.60
C CYS B 330 -0.62 -18.10 -14.49
N GLU B 331 -0.94 -18.26 -15.78
CA GLU B 331 -0.90 -17.13 -16.71
C GLU B 331 -2.02 -16.14 -16.41
N ALA B 332 -3.24 -16.64 -16.18
CA ALA B 332 -4.34 -15.74 -15.82
C ALA B 332 -4.02 -14.99 -14.53
N LEU B 333 -3.42 -15.69 -13.54
CA LEU B 333 -3.17 -15.09 -12.24
C LEU B 333 -2.05 -14.05 -12.31
N THR B 334 -0.92 -14.39 -12.96
CA THR B 334 0.14 -13.39 -13.12
C THR B 334 -0.35 -12.16 -13.89
N MET B 335 -1.20 -12.34 -14.91
CA MET B 335 -1.73 -11.20 -15.64
C MET B 335 -2.57 -10.29 -14.74
N LEU B 336 -3.48 -10.86 -13.95
CA LEU B 336 -4.29 -10.00 -13.09
C LEU B 336 -3.47 -9.37 -11.98
N CYS B 337 -2.35 -9.98 -11.58
CA CYS B 337 -1.48 -9.37 -10.58
C CYS B 337 -0.84 -8.10 -11.15
N CYS B 338 -0.44 -8.14 -12.43
CA CYS B 338 0.03 -6.92 -13.09
C CYS B 338 -1.07 -5.87 -13.11
N GLN B 339 -2.32 -6.29 -13.36
CA GLN B 339 -3.44 -5.35 -13.37
C GLN B 339 -3.58 -4.64 -12.04
N VAL B 340 -3.49 -5.38 -10.93
CA VAL B 340 -3.62 -4.78 -9.61
C VAL B 340 -2.55 -3.72 -9.38
N MET B 341 -1.32 -3.96 -9.86
CA MET B 341 -0.25 -2.98 -9.69
C MET B 341 -0.56 -1.70 -10.44
N GLY B 342 -1.08 -1.81 -11.67
CA GLY B 342 -1.46 -0.62 -12.40
C GLY B 342 -2.62 0.10 -11.76
N ASN B 343 -3.63 -0.66 -11.30
CA ASN B 343 -4.78 -0.07 -10.62
C ASN B 343 -4.33 0.72 -9.39
N ASP B 344 -3.30 0.24 -8.70
CA ASP B 344 -2.82 0.97 -7.52
C ASP B 344 -2.32 2.37 -7.89
N VAL B 345 -1.63 2.49 -9.03
CA VAL B 345 -1.14 3.80 -9.47
C VAL B 345 -2.30 4.75 -9.78
N ALA B 346 -3.31 4.26 -10.52
CA ALA B 346 -4.49 5.09 -10.80
C ALA B 346 -5.15 5.55 -9.52
N ILE B 347 -5.33 4.64 -8.55
CA ILE B 347 -5.91 5.00 -7.27
C ILE B 347 -5.05 6.04 -6.54
N ASN B 348 -3.72 5.85 -6.53
CA ASN B 348 -2.85 6.78 -5.81
C ASN B 348 -2.94 8.18 -6.41
N MET B 349 -3.00 8.27 -7.72
CA MET B 349 -3.12 9.59 -8.34
C MET B 349 -4.45 10.24 -7.99
N GLY B 350 -5.55 9.48 -8.06
CA GLY B 350 -6.84 10.02 -7.66
C GLY B 350 -6.86 10.43 -6.20
N GLY B 351 -6.32 9.58 -5.32
CA GLY B 351 -6.32 9.87 -3.90
C GLY B 351 -5.45 11.06 -3.52
N ALA B 352 -4.39 11.32 -4.30
CA ALA B 352 -3.53 12.46 -4.03
C ALA B 352 -4.13 13.77 -4.49
N SER B 353 -5.28 13.75 -5.17
CA SER B 353 -5.71 14.88 -5.99
C SER B 353 -6.97 15.57 -5.46
N GLY B 354 -7.35 15.34 -4.20
CA GLY B 354 -8.43 16.11 -3.61
C GLY B 354 -8.11 17.59 -3.54
N ASN B 355 -9.15 18.41 -3.48
CA ASN B 355 -8.99 19.85 -3.28
C ASN B 355 -10.01 20.32 -2.26
N PHE B 356 -9.54 20.99 -1.21
CA PHE B 356 -10.41 21.67 -0.25
C PHE B 356 -11.41 20.68 0.34
N GLU B 357 -12.72 20.89 0.19
CA GLU B 357 -13.68 20.08 0.93
C GLU B 357 -14.04 18.76 0.26
N LEU B 358 -13.61 18.50 -0.98
CA LEU B 358 -14.12 17.33 -1.69
C LEU B 358 -13.07 16.73 -2.62
N ASN B 359 -12.92 15.40 -2.57
CA ASN B 359 -12.17 14.67 -3.59
C ASN B 359 -13.13 14.30 -4.71
N VAL B 360 -12.83 14.74 -5.94
CA VAL B 360 -13.70 14.47 -7.08
C VAL B 360 -13.00 13.58 -8.11
N PHE B 361 -12.31 12.54 -7.63
CA PHE B 361 -11.79 11.46 -8.46
C PHE B 361 -12.46 10.13 -8.13
N ARG B 362 -13.67 10.18 -7.57
N ARG B 362 -13.68 10.18 -7.56
CA ARG B 362 -14.22 9.01 -6.85
CA ARG B 362 -14.21 9.02 -6.85
C ARG B 362 -14.66 7.87 -7.76
C ARG B 362 -14.66 7.87 -7.76
N PRO B 363 -15.41 8.09 -8.84
CA PRO B 363 -15.80 6.96 -9.71
C PRO B 363 -14.61 6.14 -10.19
N MET B 364 -13.52 6.81 -10.58
CA MET B 364 -12.32 6.11 -11.03
C MET B 364 -11.68 5.33 -9.90
N VAL B 365 -11.58 5.93 -8.71
CA VAL B 365 -10.98 5.22 -7.57
C VAL B 365 -11.74 3.93 -7.27
N ILE B 366 -13.08 4.01 -7.19
CA ILE B 366 -13.85 2.82 -6.82
C ILE B 366 -13.92 1.79 -7.96
N HIS B 367 -13.89 2.26 -9.22
CA HIS B 367 -13.82 1.34 -10.34
C HIS B 367 -12.58 0.46 -10.25
N ASN B 368 -11.42 1.09 -9.99
CA ASN B 368 -10.17 0.34 -9.84
C ASN B 368 -10.21 -0.55 -8.60
N PHE B 369 -10.67 -0.03 -7.46
CA PHE B 369 -10.61 -0.80 -6.22
C PHE B 369 -11.46 -2.06 -6.33
N LEU B 370 -12.71 -1.90 -6.77
CA LEU B 370 -13.60 -3.07 -6.86
C LEU B 370 -13.13 -4.04 -7.93
N GLN B 371 -12.51 -3.55 -9.02
CA GLN B 371 -11.92 -4.47 -10.00
C GLN B 371 -10.81 -5.30 -9.37
N SER B 372 -9.88 -4.68 -8.65
CA SER B 372 -8.84 -5.45 -7.98
C SER B 372 -9.42 -6.52 -7.06
N VAL B 373 -10.47 -6.18 -6.30
CA VAL B 373 -11.07 -7.18 -5.40
C VAL B 373 -11.64 -8.35 -6.20
N ARG B 374 -12.38 -8.08 -7.28
CA ARG B 374 -12.90 -9.17 -8.11
C ARG B 374 -11.77 -10.01 -8.68
N LEU B 375 -10.74 -9.36 -9.22
CA LEU B 375 -9.63 -10.08 -9.82
C LEU B 375 -8.94 -10.99 -8.82
N LEU B 376 -8.63 -10.47 -7.63
CA LEU B 376 -7.91 -11.25 -6.63
C LEU B 376 -8.79 -12.36 -6.05
N ALA B 377 -10.06 -12.05 -5.75
CA ALA B 377 -10.94 -13.08 -5.19
C ALA B 377 -11.22 -14.18 -6.20
N ASP B 378 -11.64 -13.80 -7.41
CA ASP B 378 -11.95 -14.81 -8.43
C ASP B 378 -10.69 -15.51 -8.91
N GLY B 379 -9.58 -14.79 -9.01
CA GLY B 379 -8.32 -15.42 -9.39
C GLY B 379 -7.87 -16.46 -8.38
N MET B 380 -7.97 -16.14 -7.09
CA MET B 380 -7.63 -17.13 -6.07
C MET B 380 -8.58 -18.33 -6.11
N GLU B 381 -9.88 -18.08 -6.33
N GLU B 381 -9.88 -18.09 -6.35
CA GLU B 381 -10.82 -19.20 -6.49
CA GLU B 381 -10.81 -19.21 -6.47
C GLU B 381 -10.41 -20.09 -7.64
C GLU B 381 -10.45 -20.11 -7.65
N SER B 382 -10.11 -19.49 -8.80
CA SER B 382 -9.84 -20.28 -9.99
C SER B 382 -8.51 -21.01 -9.85
N PHE B 383 -7.47 -20.31 -9.38
CA PHE B 383 -6.18 -20.96 -9.16
C PHE B 383 -6.29 -22.10 -8.16
N ASN B 384 -7.08 -21.92 -7.10
CA ASN B 384 -7.30 -22.99 -6.14
C ASN B 384 -7.97 -24.20 -6.79
N LYS B 385 -9.15 -23.99 -7.38
CA LYS B 385 -9.96 -25.09 -7.88
C LYS B 385 -9.28 -25.82 -9.04
N HIS B 386 -8.64 -25.07 -9.94
CA HIS B 386 -8.18 -25.61 -11.20
C HIS B 386 -6.68 -25.83 -11.26
N CYS B 387 -5.95 -25.55 -10.18
CA CYS B 387 -4.51 -25.78 -10.19
C CYS B 387 -4.00 -26.26 -8.82
N ALA B 388 -4.15 -25.44 -7.77
CA ALA B 388 -3.46 -25.72 -6.51
C ALA B 388 -3.90 -27.06 -5.89
N VAL B 389 -5.20 -27.35 -5.92
CA VAL B 389 -5.67 -28.60 -5.32
C VAL B 389 -5.07 -29.81 -5.99
N GLY B 390 -4.60 -29.68 -7.24
CA GLY B 390 -4.03 -30.78 -7.98
C GLY B 390 -2.53 -30.82 -8.10
N ILE B 391 -1.78 -29.98 -7.36
CA ILE B 391 -0.32 -30.03 -7.43
C ILE B 391 0.17 -31.36 -6.88
N GLU B 392 1.02 -32.04 -7.64
CA GLU B 392 1.62 -33.29 -7.20
C GLU B 392 3.10 -33.31 -7.51
N PRO B 393 3.90 -33.96 -6.68
CA PRO B 393 5.34 -34.07 -6.98
C PRO B 393 5.61 -35.12 -8.04
N ASN B 394 6.67 -34.90 -8.81
CA ASN B 394 7.25 -35.90 -9.69
C ASN B 394 8.47 -36.42 -8.92
N ARG B 395 8.25 -37.49 -8.16
N ARG B 395 8.25 -37.49 -8.16
CA ARG B 395 9.24 -37.91 -7.16
CA ARG B 395 9.24 -37.92 -7.16
C ARG B 395 10.53 -38.41 -7.81
C ARG B 395 10.53 -38.41 -7.81
N GLU B 396 10.42 -39.12 -8.93
CA GLU B 396 11.63 -39.63 -9.59
C GLU B 396 12.45 -38.49 -10.19
N ARG B 397 11.78 -37.49 -10.78
CA ARG B 397 12.52 -36.35 -11.31
C ARG B 397 13.16 -35.52 -10.20
N ILE B 398 12.44 -35.31 -9.10
CA ILE B 398 13.01 -34.60 -7.95
C ILE B 398 14.28 -35.29 -7.48
N ASN B 399 14.23 -36.61 -7.35
CA ASN B 399 15.37 -37.36 -6.84
C ASN B 399 16.52 -37.38 -7.84
N GLN B 400 16.18 -37.45 -9.14
CA GLN B 400 17.22 -37.44 -10.17
C GLN B 400 18.01 -36.14 -10.16
N LEU B 401 17.31 -35.00 -10.10
CA LEU B 401 18.00 -33.72 -10.04
C LEU B 401 18.84 -33.60 -8.78
N LEU B 402 18.27 -33.99 -7.62
CA LEU B 402 18.96 -33.85 -6.35
C LEU B 402 20.25 -34.66 -6.33
N ASN B 403 20.16 -35.94 -6.69
CA ASN B 403 21.30 -36.84 -6.52
C ASN B 403 22.34 -36.69 -7.63
N GLU B 404 21.96 -36.18 -8.79
CA GLU B 404 22.92 -35.90 -9.85
C GLU B 404 23.57 -34.52 -9.73
N SER B 405 23.08 -33.66 -8.83
CA SER B 405 23.68 -32.34 -8.63
C SER B 405 25.01 -32.46 -7.88
N LEU B 406 25.67 -31.32 -7.72
CA LEU B 406 26.89 -31.24 -6.94
C LEU B 406 26.66 -30.77 -5.53
N MET B 407 25.40 -30.53 -5.14
CA MET B 407 25.13 -29.80 -3.90
C MET B 407 25.22 -30.64 -2.64
N LEU B 408 25.17 -31.96 -2.74
CA LEU B 408 25.22 -32.79 -1.55
C LEU B 408 26.64 -33.01 -1.03
N VAL B 409 27.65 -32.42 -1.68
CA VAL B 409 29.05 -32.76 -1.39
C VAL B 409 29.45 -32.37 0.03
N THR B 410 28.81 -31.36 0.61
CA THR B 410 29.20 -30.92 1.95
C THR B 410 28.92 -31.97 3.03
N ALA B 411 28.10 -32.97 2.73
CA ALA B 411 27.89 -34.06 3.68
C ALA B 411 29.15 -34.87 3.93
N LEU B 412 30.15 -34.77 3.05
CA LEU B 412 31.41 -35.49 3.21
C LEU B 412 32.42 -34.75 4.06
N ASN B 413 32.18 -33.47 4.37
CA ASN B 413 33.18 -32.64 5.05
C ASN B 413 33.58 -33.22 6.40
N THR B 414 32.61 -33.73 7.16
CA THR B 414 32.93 -34.21 8.50
C THR B 414 33.59 -35.58 8.51
N HIS B 415 33.49 -36.33 7.41
CA HIS B 415 34.08 -37.67 7.31
C HIS B 415 35.46 -37.67 6.67
N ILE B 416 35.66 -36.89 5.62
CA ILE B 416 36.97 -36.74 4.99
C ILE B 416 37.32 -35.26 5.01
N GLY B 417 38.38 -34.86 4.32
CA GLY B 417 38.75 -33.45 4.33
C GLY B 417 37.75 -32.58 3.60
N TYR B 418 37.70 -31.29 3.99
CA TYR B 418 37.09 -30.31 3.12
C TYR B 418 37.83 -30.27 1.79
N ASP B 419 39.16 -30.37 1.83
CA ASP B 419 39.95 -30.42 0.61
C ASP B 419 39.54 -31.61 -0.26
N LYS B 420 39.31 -32.76 0.36
CA LYS B 420 38.96 -33.95 -0.41
C LYS B 420 37.54 -33.86 -0.97
N ALA B 421 36.60 -33.35 -0.16
CA ALA B 421 35.25 -33.12 -0.66
C ALA B 421 35.25 -32.14 -1.82
N ALA B 422 36.01 -31.05 -1.69
CA ALA B 422 36.11 -30.08 -2.78
C ALA B 422 36.77 -30.70 -4.01
N GLU B 423 37.76 -31.57 -3.81
CA GLU B 423 38.39 -32.24 -4.92
C GLU B 423 37.41 -33.16 -5.64
N ILE B 424 36.53 -33.81 -4.89
CA ILE B 424 35.52 -34.68 -5.47
C ILE B 424 34.56 -33.88 -6.34
N ALA B 425 34.08 -32.74 -5.82
CA ALA B 425 33.12 -31.92 -6.56
C ALA B 425 33.76 -31.37 -7.83
N LYS B 426 35.01 -30.92 -7.76
CA LYS B 426 35.67 -30.39 -8.94
C LYS B 426 35.87 -31.46 -9.99
N LYS B 427 36.29 -32.67 -9.58
CA LYS B 427 36.44 -33.75 -10.55
C LYS B 427 35.11 -34.12 -11.17
N ALA B 428 34.05 -34.20 -10.37
CA ALA B 428 32.72 -34.49 -10.90
C ALA B 428 32.30 -33.46 -11.94
N HIS B 429 32.50 -32.18 -11.64
CA HIS B 429 32.09 -31.13 -12.56
C HIS B 429 32.91 -31.16 -13.84
N LYS B 430 34.23 -31.33 -13.73
CA LYS B 430 35.09 -31.27 -14.92
C LYS B 430 34.82 -32.44 -15.86
N GLU B 431 34.55 -33.62 -15.31
CA GLU B 431 34.43 -34.83 -16.11
C GLU B 431 33.00 -35.31 -16.33
N GLY B 432 32.00 -34.57 -15.83
CA GLY B 432 30.63 -34.98 -16.03
C GLY B 432 30.20 -36.20 -15.25
N LEU B 433 30.72 -36.35 -14.04
CA LEU B 433 30.42 -37.51 -13.20
C LEU B 433 29.47 -37.11 -12.08
N THR B 434 28.84 -38.11 -11.48
CA THR B 434 28.18 -37.88 -10.20
C THR B 434 29.24 -37.70 -9.13
N LEU B 435 28.82 -37.13 -8.00
CA LEU B 435 29.70 -37.05 -6.83
C LEU B 435 30.17 -38.44 -6.40
N LYS B 436 29.27 -39.42 -6.42
CA LYS B 436 29.63 -40.77 -6.00
C LYS B 436 30.70 -41.36 -6.92
N ALA B 437 30.51 -41.24 -8.23
CA ALA B 437 31.47 -41.80 -9.18
C ALA B 437 32.83 -41.13 -9.05
N ALA B 438 32.85 -39.81 -8.88
CA ALA B 438 34.12 -39.10 -8.71
C ALA B 438 34.81 -39.50 -7.42
N ALA B 439 34.06 -39.68 -6.33
CA ALA B 439 34.66 -40.08 -5.06
C ALA B 439 35.24 -41.49 -5.14
N LEU B 440 34.55 -42.39 -5.85
CA LEU B 440 35.06 -43.75 -6.01
C LEU B 440 36.31 -43.77 -6.88
N ALA B 441 36.32 -42.98 -7.95
CA ALA B 441 37.48 -42.93 -8.84
C ALA B 441 38.71 -42.44 -8.10
N LEU B 442 38.54 -41.44 -7.21
CA LEU B 442 39.65 -40.96 -6.40
C LEU B 442 40.01 -41.92 -5.28
N GLY B 443 39.18 -42.92 -5.01
CA GLY B 443 39.47 -43.85 -3.93
C GLY B 443 39.44 -43.22 -2.56
N TYR B 444 38.61 -42.21 -2.36
CA TYR B 444 38.52 -41.53 -1.07
C TYR B 444 37.48 -42.16 -0.14
N LEU B 445 36.65 -43.06 -0.64
CA LEU B 445 35.64 -43.73 0.18
C LEU B 445 35.12 -44.95 -0.56
N SER B 446 34.36 -45.76 0.17
CA SER B 446 33.64 -46.90 -0.39
C SER B 446 32.25 -46.47 -0.83
N GLU B 447 31.63 -47.31 -1.67
CA GLU B 447 30.23 -47.08 -2.03
C GLU B 447 29.34 -47.13 -0.79
N ALA B 448 29.65 -48.04 0.14
CA ALA B 448 28.88 -48.11 1.38
C ALA B 448 29.01 -46.84 2.20
N GLU B 449 30.23 -46.28 2.27
CA GLU B 449 30.43 -45.06 3.03
C GLU B 449 29.67 -43.88 2.43
N PHE B 450 29.69 -43.75 1.09
CA PHE B 450 28.95 -42.68 0.44
C PHE B 450 27.47 -42.75 0.79
N ASP B 451 26.88 -43.96 0.68
CA ASP B 451 25.46 -44.11 0.96
C ASP B 451 25.15 -43.82 2.42
N SER B 452 26.05 -44.19 3.33
CA SER B 452 25.81 -43.93 4.74
C SER B 452 25.97 -42.44 5.07
N TRP B 453 26.91 -41.76 4.42
CA TRP B 453 27.30 -40.42 4.82
C TRP B 453 26.49 -39.31 4.14
N VAL B 454 26.06 -39.53 2.91
CA VAL B 454 25.40 -38.49 2.11
C VAL B 454 23.90 -38.71 2.23
N ARG B 455 23.30 -38.08 3.24
CA ARG B 455 21.88 -38.25 3.54
C ARG B 455 21.17 -36.92 3.36
N PRO B 456 20.48 -36.71 2.24
CA PRO B 456 19.75 -35.44 2.05
C PRO B 456 18.72 -35.17 3.14
N GLU B 457 18.12 -36.20 3.71
CA GLU B 457 17.12 -36.00 4.75
C GLU B 457 17.70 -35.42 6.04
N GLN B 458 19.02 -35.46 6.20
CA GLN B 458 19.68 -34.84 7.35
C GLN B 458 20.25 -33.47 7.03
N MET B 459 19.93 -32.91 5.85
CA MET B 459 20.50 -31.62 5.43
C MET B 459 19.44 -30.54 5.27
N VAL B 460 18.27 -30.69 5.89
CA VAL B 460 17.19 -29.73 5.72
C VAL B 460 16.80 -29.06 7.04
N GLY B 461 17.71 -29.02 8.01
CA GLY B 461 17.46 -28.34 9.26
C GLY B 461 18.70 -27.68 9.85
CAC FLC C . 43.29 -16.34 4.27
CA FLC C . 41.89 -16.63 3.80
CB FLC C . 40.85 -15.97 4.69
CBC FLC C . 41.03 -14.46 4.63
CG FLC C . 39.45 -16.38 4.23
CGC FLC C . 38.41 -15.89 5.22
OA1 FLC C . 43.47 -15.92 5.44
OA2 FLC C . 44.23 -16.52 3.47
OB1 FLC C . 41.32 -13.84 5.68
OB2 FLC C . 40.90 -13.90 3.54
OG1 FLC C . 37.98 -16.67 6.09
OG2 FLC C . 38.04 -14.70 5.14
OHB FLC C . 41.02 -16.41 6.05
CAC FLC D . -41.81 17.48 -9.59
CA FLC D . -40.40 17.85 -9.13
CB FLC D . -39.77 16.73 -8.30
CBC FLC D . -39.69 15.47 -9.13
CG FLC D . -38.37 17.17 -7.84
CGC FLC D . -37.81 16.19 -6.83
OA1 FLC D . -42.50 16.74 -8.87
OA2 FLC D . -42.21 17.94 -10.68
OB1 FLC D . -40.35 14.47 -8.76
OB2 FLC D . -38.99 15.47 -10.16
OG1 FLC D . -37.87 16.45 -5.61
OG2 FLC D . -37.30 15.14 -7.26
OHB FLC D . -40.58 16.48 -7.15
#